data_4QDL
#
_entry.id   4QDL
#
_cell.length_a   92.764
_cell.length_b   127.402
_cell.length_c   96.640
_cell.angle_alpha   90.000
_cell.angle_beta   100.890
_cell.angle_gamma   90.000
#
_symmetry.space_group_name_H-M   'P 1 21 1'
#
loop_
_entity.id
_entity.type
_entity.pdbx_description
1 polymer 'CRISPR-associated endonuclease Cas1'
2 polymer 'CRISPR-associated endoribonuclease Cas2'
3 water water
#
loop_
_entity_poly.entity_id
_entity_poly.type
_entity_poly.pdbx_seq_one_letter_code
_entity_poly.pdbx_strand_id
1 'polypeptide(L)'
;MTWLPLNPIPLKDRVSMIFLQYGQIDVIDGAFVLIDKTGIRTHIPVGSVACIMLEPGTRVSHAAVRLAAQVGTLLVWVGE
AGVRVYASGQPGGARSDKLLYQAKLALDEDLRLKVVRKMFELRFGEPAPARRSVEQLRGIEGSRVRATYALLAKQYGVTW
NGRRYDPKDWEKGDTINQCISAATSCLYGVTEAAILAAGYAPAIGFVHTGKPLSFVYDIADIIKFDTVVPKAFEIARRNP
GEPDREVRLACRDIFRSSKTLAKLIPLIEDVLAAGEIQPPAPPEDAQPVAIPLPVSLGDAGHRSS
;
A,B,C,D
2 'polypeptide(L)'
;MSMLVVVTENVPPRLRGRLAIWLLEVRAGVYVGDVSAKIREMIWEQIAGLAEEGNVVMAWATNTETGFEFQTFGLNRRTP
VDLDGLRLVSFLPVLESGHHHHHH
;
E,F
#
# COMPACT_ATOMS: atom_id res chain seq x y z
N ASP A 13 34.27 -44.37 0.62
CA ASP A 13 34.35 -45.76 0.14
C ASP A 13 33.01 -46.47 0.34
N ARG A 14 32.01 -45.69 0.73
CA ARG A 14 30.68 -46.20 1.04
C ARG A 14 29.68 -45.78 -0.03
N VAL A 15 28.79 -46.69 -0.42
CA VAL A 15 27.89 -46.45 -1.54
C VAL A 15 26.41 -46.70 -1.24
N SER A 16 26.08 -46.96 0.02
CA SER A 16 24.71 -47.26 0.39
C SER A 16 23.84 -46.02 0.36
N MET A 17 22.62 -46.15 -0.15
CA MET A 17 21.67 -45.06 -0.12
C MET A 17 20.37 -45.52 0.50
N ILE A 18 19.82 -44.73 1.43
CA ILE A 18 18.60 -45.13 2.12
C ILE A 18 17.49 -44.10 2.04
N PHE A 19 16.27 -44.57 2.22
CA PHE A 19 15.10 -43.70 2.28
C PHE A 19 14.70 -43.47 3.74
N LEU A 20 14.11 -42.30 3.99
CA LEU A 20 13.45 -42.04 5.26
C LEU A 20 12.09 -41.40 4.96
N GLN A 21 11.03 -41.91 5.57
CA GLN A 21 9.72 -41.29 5.36
C GLN A 21 8.93 -41.20 6.66
N TYR A 22 7.99 -40.26 6.70
CA TYR A 22 6.97 -40.17 7.75
C TYR A 22 7.54 -40.30 9.15
N GLY A 23 8.37 -39.33 9.54
CA GLY A 23 9.01 -39.38 10.83
C GLY A 23 9.69 -38.06 11.16
N GLN A 24 10.21 -37.96 12.37
CA GLN A 24 11.02 -36.82 12.77
C GLN A 24 12.46 -37.27 12.88
N ILE A 25 13.38 -36.51 12.32
CA ILE A 25 14.78 -36.89 12.41
C ILE A 25 15.46 -36.07 13.49
N ASP A 26 16.14 -36.77 14.38
CA ASP A 26 16.85 -36.15 15.49
C ASP A 26 17.90 -37.10 16.02
N VAL A 27 18.81 -36.59 16.82
CA VAL A 27 19.80 -37.46 17.43
C VAL A 27 19.52 -37.52 18.93
N ILE A 28 19.43 -38.74 19.46
CA ILE A 28 19.24 -39.00 20.88
C ILE A 28 20.44 -39.80 21.39
N ASP A 29 21.07 -39.33 22.48
CA ASP A 29 22.27 -39.96 23.03
C ASP A 29 23.37 -40.02 21.98
N GLY A 30 23.45 -38.96 21.17
CA GLY A 30 24.43 -38.85 20.10
C GLY A 30 24.29 -39.93 19.03
N ALA A 31 23.09 -40.47 18.93
CA ALA A 31 22.80 -41.56 18.01
C ALA A 31 21.77 -41.08 17.01
N PHE A 32 21.96 -41.38 15.74
CA PHE A 32 21.02 -40.95 14.72
C PHE A 32 19.74 -41.80 14.74
N VAL A 33 18.58 -41.17 14.98
CA VAL A 33 17.29 -41.86 15.10
C VAL A 33 16.14 -41.15 14.38
N LEU A 34 15.09 -41.91 14.03
CA LEU A 34 13.85 -41.36 13.47
C LEU A 34 12.70 -41.78 14.38
N ILE A 35 11.86 -40.81 14.75
CA ILE A 35 10.70 -41.08 15.61
C ILE A 35 9.38 -41.01 14.84
N ASP A 36 8.58 -42.09 14.89
CA ASP A 36 7.29 -42.19 14.19
C ASP A 36 6.11 -41.47 14.87
N LYS A 37 4.99 -41.36 14.14
CA LYS A 37 3.71 -40.84 14.71
C LYS A 37 3.27 -41.71 15.88
N THR A 38 3.47 -43.03 15.73
CA THR A 38 3.25 -43.97 16.83
C THR A 38 4.22 -43.59 17.98
N GLY A 39 5.45 -43.20 17.63
CA GLY A 39 6.44 -42.83 18.62
C GLY A 39 7.66 -43.73 18.66
N ILE A 40 7.56 -44.87 17.97
CA ILE A 40 8.61 -45.86 17.97
C ILE A 40 9.89 -45.22 17.48
N ARG A 41 11.00 -45.49 18.15
CA ARG A 41 12.26 -44.87 17.79
C ARG A 41 13.20 -45.89 17.18
N THR A 42 13.67 -45.59 15.98
CA THR A 42 14.54 -46.49 15.23
C THR A 42 15.87 -45.82 14.90
N HIS A 43 16.97 -46.52 15.18
CA HIS A 43 18.31 -46.03 14.87
C HIS A 43 18.63 -46.12 13.38
N ILE A 44 19.42 -45.17 12.90
CA ILE A 44 19.78 -45.07 11.50
C ILE A 44 21.30 -45.06 11.35
N PRO A 45 21.86 -45.94 10.49
CA PRO A 45 23.31 -46.01 10.33
C PRO A 45 23.85 -44.90 9.43
N VAL A 46 23.77 -43.66 9.92
CA VAL A 46 24.08 -42.48 9.13
C VAL A 46 25.55 -42.44 8.66
N GLY A 47 26.47 -42.95 9.47
CA GLY A 47 27.87 -43.01 9.09
C GLY A 47 28.11 -43.94 7.92
N SER A 48 27.42 -45.07 7.92
CA SER A 48 27.57 -46.10 6.90
C SER A 48 27.12 -45.68 5.50
N VAL A 49 26.07 -44.86 5.43
CA VAL A 49 25.47 -44.52 4.14
C VAL A 49 26.10 -43.32 3.45
N ALA A 50 26.04 -43.33 2.12
CA ALA A 50 26.52 -42.23 1.30
C ALA A 50 25.49 -41.11 1.23
N CYS A 51 24.21 -41.48 1.18
CA CYS A 51 23.17 -40.48 1.04
C CYS A 51 21.90 -40.87 1.75
N ILE A 52 21.17 -39.89 2.26
CA ILE A 52 19.85 -40.14 2.83
C ILE A 52 18.78 -39.36 2.08
N MET A 53 17.78 -40.07 1.59
CA MET A 53 16.70 -39.44 0.84
C MET A 53 15.47 -39.23 1.73
N LEU A 54 15.15 -37.96 1.97
CA LEU A 54 14.05 -37.58 2.85
C LEU A 54 12.78 -37.36 2.06
N GLU A 55 11.77 -38.15 2.38
CA GLU A 55 10.50 -38.11 1.70
C GLU A 55 9.55 -37.12 2.34
N PRO A 56 8.47 -36.74 1.62
CA PRO A 56 7.54 -35.77 2.21
C PRO A 56 7.01 -36.28 3.55
N GLY A 57 6.87 -35.38 4.52
CA GLY A 57 6.44 -35.78 5.84
C GLY A 57 7.58 -36.05 6.80
N THR A 58 8.80 -35.72 6.38
CA THR A 58 9.94 -35.82 7.28
C THR A 58 10.27 -34.46 7.85
N ARG A 59 10.64 -34.44 9.13
CA ARG A 59 11.11 -33.23 9.80
C ARG A 59 12.50 -33.48 10.36
N VAL A 60 13.42 -32.53 10.15
CA VAL A 60 14.80 -32.71 10.59
C VAL A 60 15.22 -31.69 11.63
N SER A 61 15.79 -32.18 12.73
CA SER A 61 16.30 -31.31 13.77
C SER A 61 17.61 -30.70 13.34
N HIS A 62 17.99 -29.58 13.96
CA HIS A 62 19.26 -28.93 13.69
C HIS A 62 20.40 -29.90 13.98
N ALA A 63 20.24 -30.70 15.03
CA ALA A 63 21.27 -31.63 15.43
C ALA A 63 21.54 -32.70 14.37
N ALA A 64 20.46 -33.22 13.79
CA ALA A 64 20.56 -34.27 12.77
C ALA A 64 21.27 -33.76 11.53
N VAL A 65 20.91 -32.56 11.10
CA VAL A 65 21.53 -31.92 9.96
C VAL A 65 23.00 -31.64 10.23
N ARG A 66 23.33 -31.26 11.47
CA ARG A 66 24.73 -31.08 11.83
C ARG A 66 25.51 -32.40 11.72
N LEU A 67 24.97 -33.44 12.36
CA LEU A 67 25.65 -34.74 12.43
C LEU A 67 25.84 -35.34 11.05
N ALA A 68 24.81 -35.25 10.21
CA ALA A 68 24.89 -35.71 8.84
C ALA A 68 26.04 -35.03 8.10
N ALA A 69 26.23 -33.74 8.38
CA ALA A 69 27.30 -32.96 7.81
C ALA A 69 28.66 -33.43 8.33
N GLN A 70 28.73 -33.76 9.62
CA GLN A 70 29.99 -34.13 10.25
C GLN A 70 30.53 -35.44 9.66
N VAL A 71 29.63 -36.38 9.39
CA VAL A 71 30.01 -37.70 8.89
C VAL A 71 30.06 -37.76 7.37
N GLY A 72 29.68 -36.68 6.71
CA GLY A 72 29.76 -36.60 5.27
C GLY A 72 28.67 -37.42 4.59
N THR A 73 27.47 -37.38 5.14
CA THR A 73 26.33 -38.02 4.50
C THR A 73 25.44 -36.97 3.86
N LEU A 74 25.26 -37.07 2.55
CA LEU A 74 24.45 -36.10 1.85
C LEU A 74 22.98 -36.28 2.24
N LEU A 75 22.31 -35.18 2.53
CA LEU A 75 20.87 -35.18 2.71
C LEU A 75 20.22 -34.69 1.43
N VAL A 76 19.33 -35.50 0.85
CA VAL A 76 18.61 -35.12 -0.35
C VAL A 76 17.10 -35.17 -0.13
N TRP A 77 16.41 -34.04 -0.28
CA TRP A 77 14.97 -34.02 -0.14
C TRP A 77 14.30 -34.39 -1.45
N VAL A 78 13.55 -35.49 -1.42
CA VAL A 78 12.92 -36.06 -2.62
C VAL A 78 11.42 -36.23 -2.47
N GLY A 79 10.76 -36.59 -3.57
CA GLY A 79 9.37 -36.97 -3.56
C GLY A 79 9.24 -38.42 -3.12
N GLU A 80 8.00 -38.88 -2.95
CA GLU A 80 7.72 -40.25 -2.52
C GLU A 80 8.39 -41.29 -3.43
N ALA A 81 9.13 -42.22 -2.84
CA ALA A 81 9.84 -43.25 -3.58
C ALA A 81 10.86 -42.66 -4.56
N GLY A 82 11.19 -41.39 -4.36
CA GLY A 82 12.20 -40.71 -5.14
C GLY A 82 11.75 -40.21 -6.51
N VAL A 83 10.50 -39.79 -6.63
CA VAL A 83 9.97 -39.31 -7.91
C VAL A 83 10.68 -38.04 -8.38
N ARG A 84 10.89 -37.11 -7.47
CA ARG A 84 11.52 -35.85 -7.82
C ARG A 84 12.61 -35.53 -6.84
N VAL A 85 13.57 -34.70 -7.24
CA VAL A 85 14.51 -34.16 -6.27
C VAL A 85 14.18 -32.69 -6.05
N TYR A 86 13.85 -32.33 -4.82
CA TYR A 86 13.43 -30.96 -4.56
C TYR A 86 14.58 -30.10 -4.16
N ALA A 87 15.44 -30.65 -3.31
CA ALA A 87 16.53 -29.89 -2.73
C ALA A 87 17.64 -30.81 -2.27
N SER A 88 18.84 -30.29 -2.24
CA SER A 88 19.98 -31.05 -1.77
C SER A 88 20.72 -30.25 -0.71
N GLY A 89 21.26 -30.95 0.29
CA GLY A 89 22.21 -30.34 1.18
C GLY A 89 23.47 -30.03 0.38
N GLN A 90 24.27 -29.07 0.85
CA GLN A 90 25.45 -28.60 0.10
C GLN A 90 25.13 -28.27 -1.36
N PRO A 91 24.14 -27.40 -1.60
CA PRO A 91 23.75 -27.14 -3.00
C PRO A 91 24.93 -26.61 -3.81
N GLY A 92 25.00 -27.03 -5.07
CA GLY A 92 26.10 -26.65 -5.93
C GLY A 92 27.26 -27.63 -5.86
N GLY A 93 27.24 -28.49 -4.85
CA GLY A 93 28.23 -29.54 -4.73
C GLY A 93 29.15 -29.38 -3.55
N ALA A 94 29.26 -30.44 -2.76
CA ALA A 94 30.12 -30.46 -1.59
C ALA A 94 31.56 -30.73 -1.94
N ARG A 95 31.78 -31.74 -2.77
CA ARG A 95 33.13 -32.23 -3.03
C ARG A 95 33.73 -31.66 -4.32
N SER A 96 34.71 -30.77 -4.16
CA SER A 96 35.34 -30.11 -5.29
C SER A 96 36.25 -31.07 -6.07
N ASP A 97 36.81 -32.06 -5.38
CA ASP A 97 37.67 -33.01 -6.06
C ASP A 97 36.89 -33.84 -7.07
N LYS A 98 35.73 -34.33 -6.65
CA LYS A 98 34.88 -35.13 -7.52
C LYS A 98 34.30 -34.30 -8.65
N LEU A 99 33.91 -33.07 -8.35
CA LEU A 99 33.32 -32.19 -9.35
C LEU A 99 34.32 -31.90 -10.48
N LEU A 100 35.54 -31.50 -10.11
CA LEU A 100 36.60 -31.18 -11.07
C LEU A 100 37.03 -32.39 -11.88
N TYR A 101 37.05 -33.56 -11.25
CA TYR A 101 37.34 -34.82 -11.93
C TYR A 101 36.40 -35.01 -13.12
N GLN A 102 35.10 -34.89 -12.87
CA GLN A 102 34.09 -34.98 -13.90
C GLN A 102 34.30 -33.88 -14.93
N ALA A 103 34.54 -32.67 -14.45
CA ALA A 103 34.70 -31.52 -15.33
C ALA A 103 35.85 -31.72 -16.31
N LYS A 104 36.95 -32.29 -15.84
CA LYS A 104 38.10 -32.51 -16.71
C LYS A 104 37.67 -33.47 -17.83
N LEU A 105 36.98 -34.53 -17.45
CA LEU A 105 36.55 -35.56 -18.38
C LEU A 105 35.64 -35.01 -19.47
N ALA A 106 34.90 -33.97 -19.16
CA ALA A 106 33.97 -33.41 -20.14
C ALA A 106 34.62 -32.35 -21.01
N LEU A 107 35.77 -31.85 -20.56
CA LEU A 107 36.45 -30.75 -21.23
C LEU A 107 37.47 -31.23 -22.27
N ASP A 108 38.09 -32.36 -22.02
CA ASP A 108 39.07 -32.93 -22.94
C ASP A 108 38.37 -33.88 -23.91
N GLU A 109 38.39 -33.55 -25.20
CA GLU A 109 37.65 -34.31 -26.21
C GLU A 109 38.00 -35.79 -26.25
N ASP A 110 39.26 -36.12 -26.05
CA ASP A 110 39.68 -37.52 -25.99
C ASP A 110 39.13 -38.22 -24.76
N LEU A 111 39.19 -37.55 -23.61
CA LEU A 111 38.66 -38.11 -22.37
C LEU A 111 37.15 -38.31 -22.46
N ARG A 112 36.51 -37.44 -23.23
CA ARG A 112 35.06 -37.47 -23.40
C ARG A 112 34.60 -38.69 -24.20
N LEU A 113 35.27 -38.95 -25.33
CA LEU A 113 34.95 -40.14 -26.13
C LEU A 113 35.15 -41.40 -25.31
N LYS A 114 36.23 -41.44 -24.53
CA LYS A 114 36.52 -42.62 -23.74
C LYS A 114 35.38 -42.97 -22.81
N VAL A 115 34.72 -41.95 -22.26
CA VAL A 115 33.57 -42.14 -21.36
C VAL A 115 32.31 -42.49 -22.16
N VAL A 116 32.09 -41.83 -23.28
CA VAL A 116 30.96 -42.14 -24.15
C VAL A 116 31.03 -43.57 -24.65
N ARG A 117 32.22 -44.00 -25.06
CA ARG A 117 32.40 -45.35 -25.55
C ARG A 117 32.05 -46.35 -24.45
N LYS A 118 32.54 -46.10 -23.24
CA LYS A 118 32.24 -46.97 -22.11
C LYS A 118 30.73 -47.02 -21.82
N MET A 119 30.06 -45.90 -22.04
CA MET A 119 28.63 -45.85 -21.79
C MET A 119 27.88 -46.76 -22.75
N PHE A 120 28.20 -46.68 -24.03
CA PHE A 120 27.57 -47.53 -25.02
C PHE A 120 27.90 -49.00 -24.79
N GLU A 121 29.14 -49.28 -24.39
CA GLU A 121 29.53 -50.64 -24.10
C GLU A 121 28.60 -51.27 -23.07
N LEU A 122 28.20 -50.49 -22.08
CA LEU A 122 27.35 -51.00 -21.02
C LEU A 122 25.90 -51.14 -21.47
N ARG A 123 25.48 -50.24 -22.36
CA ARG A 123 24.16 -50.24 -22.97
C ARG A 123 23.96 -51.43 -23.92
N PHE A 124 25.03 -51.74 -24.67
CA PHE A 124 25.01 -52.78 -25.69
C PHE A 124 25.32 -54.19 -25.16
N GLY A 125 26.11 -54.28 -24.09
CA GLY A 125 26.50 -55.58 -23.55
C GLY A 125 27.75 -56.12 -24.21
N GLU A 126 28.20 -55.40 -25.23
CA GLU A 126 29.45 -55.67 -25.90
C GLU A 126 29.99 -54.33 -26.37
N PRO A 127 31.32 -54.21 -26.48
CA PRO A 127 31.95 -52.97 -26.96
C PRO A 127 31.33 -52.41 -28.24
N ALA A 128 31.27 -51.09 -28.35
CA ALA A 128 30.68 -50.44 -29.52
C ALA A 128 31.57 -50.65 -30.73
N PRO A 129 30.97 -50.62 -31.93
CA PRO A 129 31.77 -50.68 -33.16
C PRO A 129 32.79 -49.54 -33.24
N ALA A 130 34.07 -49.87 -33.12
CA ALA A 130 35.14 -48.87 -33.20
C ALA A 130 35.04 -48.04 -34.47
N ARG A 131 34.71 -48.70 -35.58
CA ARG A 131 34.51 -48.03 -36.86
C ARG A 131 33.06 -47.59 -37.02
N ARG A 132 32.62 -46.69 -36.15
CA ARG A 132 31.27 -46.15 -36.21
C ARG A 132 31.20 -44.86 -35.38
N SER A 133 30.51 -43.85 -35.91
CA SER A 133 30.49 -42.52 -35.31
C SER A 133 29.57 -42.44 -34.11
N VAL A 134 29.83 -41.47 -33.24
CA VAL A 134 28.99 -41.23 -32.07
C VAL A 134 27.53 -41.03 -32.49
N GLU A 135 27.31 -40.19 -33.49
CA GLU A 135 25.96 -40.00 -34.02
C GLU A 135 25.36 -41.32 -34.50
N GLN A 136 26.19 -42.14 -35.15
CA GLN A 136 25.73 -43.45 -35.60
C GLN A 136 25.41 -44.36 -34.41
N LEU A 137 26.21 -44.25 -33.35
CA LEU A 137 25.99 -45.07 -32.15
C LEU A 137 24.68 -44.70 -31.47
N ARG A 138 24.39 -43.40 -31.40
CA ARG A 138 23.16 -42.90 -30.80
C ARG A 138 21.96 -43.53 -31.51
N GLY A 139 22.08 -43.68 -32.82
CA GLY A 139 21.04 -44.28 -33.64
C GLY A 139 20.85 -45.77 -33.38
N ILE A 140 21.95 -46.49 -33.23
CA ILE A 140 21.88 -47.93 -32.96
C ILE A 140 21.16 -48.21 -31.64
N GLU A 141 21.49 -47.43 -30.62
CA GLU A 141 20.83 -47.52 -29.32
C GLU A 141 19.34 -47.23 -29.44
N GLY A 142 19.00 -46.29 -30.33
CA GLY A 142 17.62 -45.91 -30.53
C GLY A 142 16.73 -47.02 -31.07
N SER A 143 17.25 -47.82 -31.99
CA SER A 143 16.51 -48.97 -32.48
C SER A 143 16.47 -50.04 -31.40
N ARG A 144 17.57 -50.20 -30.66
CA ARG A 144 17.65 -51.19 -29.59
C ARG A 144 16.64 -50.91 -28.47
N VAL A 145 16.47 -49.65 -28.09
CA VAL A 145 15.53 -49.32 -27.03
C VAL A 145 14.10 -49.52 -27.51
N ARG A 146 13.82 -49.10 -28.74
CA ARG A 146 12.49 -49.27 -29.32
C ARG A 146 12.12 -50.74 -29.34
N ALA A 147 13.12 -51.57 -29.61
CA ALA A 147 12.94 -53.02 -29.67
C ALA A 147 12.81 -53.62 -28.29
N THR A 148 13.60 -53.11 -27.34
CA THR A 148 13.58 -53.60 -25.97
C THR A 148 12.21 -53.35 -25.32
N TYR A 149 11.56 -52.25 -25.68
CA TYR A 149 10.20 -52.01 -25.19
C TYR A 149 9.22 -53.05 -25.71
N ALA A 150 9.37 -53.36 -27.00
CA ALA A 150 8.51 -54.32 -27.68
C ALA A 150 8.75 -55.71 -27.11
N LEU A 151 10.02 -55.99 -26.87
CA LEU A 151 10.42 -57.26 -26.29
C LEU A 151 9.74 -57.46 -24.95
N LEU A 152 9.74 -56.41 -24.11
CA LEU A 152 9.11 -56.47 -22.79
C LEU A 152 7.58 -56.56 -22.85
N ALA A 153 6.98 -55.88 -23.81
CA ALA A 153 5.53 -55.92 -23.99
C ALA A 153 5.08 -57.32 -24.40
N LYS A 154 5.90 -57.91 -25.27
CA LYS A 154 5.68 -59.25 -25.75
C LYS A 154 5.89 -60.28 -24.62
N GLN A 155 6.87 -60.04 -23.76
CA GLN A 155 7.16 -60.98 -22.67
C GLN A 155 6.02 -61.02 -21.65
N TYR A 156 5.49 -59.85 -21.29
CA TYR A 156 4.46 -59.75 -20.25
C TYR A 156 3.05 -59.72 -20.81
N GLY A 157 2.93 -59.82 -22.13
CA GLY A 157 1.62 -59.76 -22.76
C GLY A 157 0.91 -58.44 -22.52
N VAL A 158 1.61 -57.36 -22.83
CA VAL A 158 1.03 -56.02 -22.71
C VAL A 158 0.84 -55.50 -24.12
N THR A 159 -0.32 -54.93 -24.41
CA THR A 159 -0.54 -54.36 -25.73
C THR A 159 0.33 -53.13 -25.94
N TRP A 160 1.04 -53.07 -27.06
CA TRP A 160 2.07 -52.05 -27.27
C TRP A 160 1.96 -51.32 -28.61
N ASN A 161 2.05 -49.98 -28.55
CA ASN A 161 2.00 -49.13 -29.73
C ASN A 161 3.22 -48.21 -29.80
N GLY A 162 4.15 -48.42 -28.87
CA GLY A 162 5.35 -47.62 -28.71
C GLY A 162 5.32 -46.77 -27.45
N ARG A 163 6.21 -45.78 -27.38
CA ARG A 163 6.30 -44.93 -26.19
C ARG A 163 6.00 -43.48 -26.53
N ASP A 174 -1.22 -44.68 -23.39
CA ASP A 174 -1.82 -45.88 -22.81
C ASP A 174 -1.55 -45.94 -21.31
N THR A 175 -2.08 -46.97 -20.65
CA THR A 175 -1.78 -47.20 -19.25
C THR A 175 -0.33 -47.67 -19.10
N ILE A 176 0.14 -48.47 -20.06
CA ILE A 176 1.51 -48.94 -20.05
C ILE A 176 2.48 -47.75 -20.02
N ASN A 177 2.30 -46.80 -20.92
CA ASN A 177 3.13 -45.60 -20.94
C ASN A 177 3.14 -44.81 -19.63
N GLN A 178 2.01 -44.78 -18.93
CA GLN A 178 1.93 -44.08 -17.66
C GLN A 178 2.74 -44.81 -16.59
N CYS A 179 2.66 -46.13 -16.59
CA CYS A 179 3.41 -46.94 -15.64
C CYS A 179 4.90 -46.83 -15.86
N ILE A 180 5.29 -46.66 -17.12
CA ILE A 180 6.70 -46.51 -17.47
C ILE A 180 7.22 -45.14 -17.02
N SER A 181 6.43 -44.10 -17.30
CA SER A 181 6.76 -42.75 -16.85
C SER A 181 6.88 -42.70 -15.33
N ALA A 182 5.97 -43.37 -14.66
CA ALA A 182 6.00 -43.40 -13.22
C ALA A 182 7.24 -44.14 -12.75
N ALA A 183 7.60 -45.19 -13.46
CA ALA A 183 8.73 -46.03 -13.08
C ALA A 183 10.06 -45.33 -13.31
N THR A 184 10.23 -44.77 -14.50
CA THR A 184 11.48 -44.10 -14.85
C THR A 184 11.74 -42.91 -13.94
N SER A 185 10.67 -42.18 -13.60
CA SER A 185 10.79 -41.00 -12.74
C SER A 185 11.43 -41.31 -11.41
N CYS A 186 11.02 -42.42 -10.80
CA CYS A 186 11.62 -42.81 -9.55
C CYS A 186 13.08 -43.17 -9.74
N LEU A 187 13.41 -43.75 -10.89
CA LEU A 187 14.79 -44.09 -11.18
C LEU A 187 15.61 -42.82 -11.38
N TYR A 188 15.10 -41.90 -12.18
CA TYR A 188 15.76 -40.62 -12.41
C TYR A 188 16.04 -39.90 -11.10
N GLY A 189 15.03 -39.80 -10.26
CA GLY A 189 15.15 -39.10 -8.99
C GLY A 189 16.20 -39.70 -8.09
N VAL A 190 16.17 -41.02 -7.96
CA VAL A 190 17.14 -41.71 -7.12
C VAL A 190 18.54 -41.67 -7.76
N THR A 191 18.60 -41.70 -9.09
CA THR A 191 19.89 -41.61 -9.78
C THR A 191 20.57 -40.26 -9.55
N GLU A 192 19.77 -39.19 -9.58
CA GLU A 192 20.26 -37.85 -9.28
C GLU A 192 20.84 -37.78 -7.86
N ALA A 193 20.14 -38.40 -6.91
CA ALA A 193 20.63 -38.47 -5.55
C ALA A 193 21.97 -39.19 -5.48
N ALA A 194 22.14 -40.23 -6.29
CA ALA A 194 23.39 -40.99 -6.32
C ALA A 194 24.54 -40.16 -6.85
N ILE A 195 24.28 -39.46 -7.95
CA ILE A 195 25.25 -38.58 -8.58
C ILE A 195 25.71 -37.47 -7.63
N LEU A 196 24.76 -36.82 -6.95
CA LEU A 196 25.06 -35.78 -5.99
C LEU A 196 25.85 -36.35 -4.83
N ALA A 197 25.44 -37.52 -4.34
CA ALA A 197 26.16 -38.13 -3.22
C ALA A 197 27.60 -38.48 -3.62
N ALA A 198 27.80 -38.84 -4.88
CA ALA A 198 29.12 -39.16 -5.37
C ALA A 198 29.94 -37.89 -5.56
N GLY A 199 29.25 -36.75 -5.60
CA GLY A 199 29.91 -35.47 -5.68
C GLY A 199 29.95 -34.88 -7.07
N TYR A 200 29.07 -35.36 -7.93
CA TYR A 200 29.12 -34.92 -9.33
C TYR A 200 27.99 -33.96 -9.66
N ALA A 201 28.06 -33.37 -10.85
CA ALA A 201 27.06 -32.42 -11.30
C ALA A 201 26.10 -33.09 -12.28
N PRO A 202 24.81 -33.10 -11.95
CA PRO A 202 23.83 -33.75 -12.82
C PRO A 202 23.79 -33.14 -14.22
N ALA A 203 24.20 -31.89 -14.39
CA ALA A 203 24.03 -31.20 -15.66
C ALA A 203 25.16 -31.49 -16.63
N ILE A 204 26.26 -32.04 -16.12
CA ILE A 204 27.41 -32.32 -16.96
C ILE A 204 27.36 -33.76 -17.46
N GLY A 205 26.87 -33.91 -18.69
CA GLY A 205 26.66 -35.22 -19.27
C GLY A 205 27.64 -35.50 -20.39
N PHE A 206 27.62 -36.73 -20.90
CA PHE A 206 28.51 -37.12 -21.98
C PHE A 206 27.75 -37.54 -23.23
N VAL A 207 26.88 -38.54 -23.09
CA VAL A 207 26.02 -38.94 -24.20
C VAL A 207 24.88 -37.94 -24.34
N HIS A 208 24.19 -37.68 -23.23
CA HIS A 208 23.16 -36.65 -23.20
C HIS A 208 23.77 -35.32 -22.74
N THR A 209 23.40 -34.25 -23.43
CA THR A 209 23.96 -32.94 -23.14
C THR A 209 22.92 -31.83 -23.25
N GLY A 210 23.15 -30.75 -22.50
CA GLY A 210 22.40 -29.52 -22.64
C GLY A 210 21.12 -29.45 -21.86
N LYS A 211 20.95 -30.39 -20.92
CA LYS A 211 19.81 -30.38 -19.99
C LYS A 211 20.31 -30.41 -18.56
N PRO A 212 19.51 -29.90 -17.61
CA PRO A 212 19.92 -29.88 -16.21
C PRO A 212 20.20 -31.26 -15.62
N LEU A 213 19.62 -32.30 -16.20
CA LEU A 213 19.75 -33.64 -15.64
C LEU A 213 20.44 -34.61 -16.60
N SER A 214 21.26 -34.08 -17.50
CA SER A 214 21.85 -34.88 -18.58
C SER A 214 22.64 -36.07 -18.06
N PHE A 215 23.46 -35.87 -17.04
CA PHE A 215 24.24 -36.97 -16.51
C PHE A 215 23.33 -38.00 -15.85
N VAL A 216 22.18 -37.57 -15.34
CA VAL A 216 21.21 -38.47 -14.72
C VAL A 216 20.63 -39.40 -15.77
N TYR A 217 20.23 -38.81 -16.90
CA TYR A 217 19.72 -39.57 -18.03
C TYR A 217 20.75 -40.61 -18.50
N ASP A 218 22.00 -40.17 -18.69
CA ASP A 218 23.10 -41.02 -19.15
C ASP A 218 23.23 -42.29 -18.34
N ILE A 219 23.14 -42.15 -17.02
CA ILE A 219 23.33 -43.28 -16.13
C ILE A 219 22.09 -44.14 -16.08
N ALA A 220 20.94 -43.51 -15.93
CA ALA A 220 19.70 -44.22 -15.75
C ALA A 220 19.36 -45.04 -17.00
N ASP A 221 19.59 -44.45 -18.17
CA ASP A 221 19.39 -45.14 -19.44
C ASP A 221 20.15 -46.47 -19.50
N ILE A 222 21.29 -46.53 -18.83
CA ILE A 222 22.09 -47.75 -18.80
C ILE A 222 21.42 -48.86 -17.99
N ILE A 223 20.83 -48.54 -16.85
CA ILE A 223 20.20 -49.58 -16.01
C ILE A 223 18.67 -49.58 -16.05
N LYS A 224 18.10 -48.75 -16.92
CA LYS A 224 16.66 -48.52 -16.95
C LYS A 224 15.88 -49.81 -17.09
N PHE A 225 16.35 -50.65 -18.00
CA PHE A 225 15.67 -51.87 -18.41
C PHE A 225 15.91 -53.14 -17.58
N ASP A 226 16.88 -53.13 -16.69
CA ASP A 226 17.12 -54.31 -15.86
C ASP A 226 15.99 -54.65 -14.89
N THR A 227 15.49 -53.68 -14.15
CA THR A 227 14.43 -53.95 -13.18
C THR A 227 13.26 -52.98 -13.23
N VAL A 228 13.56 -51.70 -13.35
CA VAL A 228 12.54 -50.65 -13.26
C VAL A 228 11.53 -50.68 -14.40
N VAL A 229 11.99 -50.76 -15.64
CA VAL A 229 11.05 -50.78 -16.77
C VAL A 229 10.30 -52.13 -16.89
N PRO A 230 10.99 -53.25 -16.61
CA PRO A 230 10.21 -54.50 -16.54
C PRO A 230 9.09 -54.49 -15.49
N LYS A 231 9.32 -53.88 -14.33
CA LYS A 231 8.28 -53.85 -13.31
C LYS A 231 7.09 -53.03 -13.79
N ALA A 232 7.34 -52.02 -14.61
CA ALA A 232 6.28 -51.23 -15.20
C ALA A 232 5.34 -52.09 -16.04
N PHE A 233 5.92 -52.94 -16.88
CA PHE A 233 5.12 -53.85 -17.70
C PHE A 233 4.39 -54.86 -16.83
N GLU A 234 5.08 -55.39 -15.83
CA GLU A 234 4.50 -56.35 -14.89
C GLU A 234 3.29 -55.74 -14.16
N ILE A 235 3.41 -54.48 -13.78
CA ILE A 235 2.33 -53.76 -13.11
C ILE A 235 1.18 -53.52 -14.09
N ALA A 236 1.51 -53.10 -15.32
CA ALA A 236 0.49 -52.77 -16.31
C ALA A 236 -0.37 -53.96 -16.69
N ARG A 237 0.11 -55.17 -16.38
CA ARG A 237 -0.67 -56.38 -16.59
C ARG A 237 -2.01 -56.24 -15.86
N ARG A 238 -1.99 -55.70 -14.64
CA ARG A 238 -3.18 -55.50 -13.82
C ARG A 238 -4.24 -54.56 -14.43
N ASN A 239 -3.78 -53.55 -15.18
CA ASN A 239 -4.64 -52.42 -15.63
C ASN A 239 -5.27 -51.59 -14.49
N PRO A 240 -4.48 -51.24 -13.44
CA PRO A 240 -5.23 -50.63 -12.31
C PRO A 240 -5.69 -49.18 -12.53
N GLY A 241 -6.72 -48.77 -11.77
CA GLY A 241 -7.21 -47.41 -11.80
C GLY A 241 -6.20 -46.38 -11.31
N GLU A 242 -5.56 -46.62 -10.17
CA GLU A 242 -4.55 -45.71 -9.65
C GLU A 242 -3.16 -46.34 -9.74
N PRO A 243 -2.55 -46.33 -10.94
CA PRO A 243 -1.29 -47.04 -11.20
C PRO A 243 -0.03 -46.44 -10.57
N ASP A 244 0.09 -45.12 -10.60
CA ASP A 244 1.29 -44.43 -10.13
C ASP A 244 1.69 -44.85 -8.72
N ARG A 245 0.73 -44.95 -7.80
CA ARG A 245 1.04 -45.37 -6.44
C ARG A 245 1.54 -46.81 -6.43
N GLU A 246 0.95 -47.65 -7.29
CA GLU A 246 1.36 -49.04 -7.40
C GLU A 246 2.76 -49.15 -7.99
N VAL A 247 3.04 -48.34 -9.01
CA VAL A 247 4.35 -48.32 -9.65
C VAL A 247 5.46 -47.80 -8.74
N ARG A 248 5.19 -46.70 -8.03
CA ARG A 248 6.16 -46.11 -7.13
C ARG A 248 6.49 -47.06 -5.98
N LEU A 249 5.45 -47.61 -5.37
CA LEU A 249 5.61 -48.58 -4.29
C LEU A 249 6.40 -49.79 -4.80
N ALA A 250 6.18 -50.15 -6.06
CA ALA A 250 6.92 -51.24 -6.69
C ALA A 250 8.38 -50.88 -6.92
N CYS A 251 8.64 -49.68 -7.44
CA CYS A 251 10.01 -49.22 -7.61
C CYS A 251 10.71 -49.14 -6.27
N ARG A 252 9.99 -48.64 -5.26
CA ARG A 252 10.50 -48.65 -3.89
C ARG A 252 10.86 -50.02 -3.39
N ASP A 253 9.97 -50.99 -3.62
CA ASP A 253 10.23 -52.37 -3.25
C ASP A 253 11.46 -52.88 -3.98
N ILE A 254 11.65 -52.46 -5.22
CA ILE A 254 12.85 -52.80 -5.97
C ILE A 254 14.06 -52.17 -5.28
N PHE A 255 13.95 -50.88 -4.99
CA PHE A 255 15.03 -50.13 -4.37
C PHE A 255 15.35 -50.67 -2.98
N ARG A 256 14.32 -50.96 -2.21
CA ARG A 256 14.50 -51.55 -0.89
C ARG A 256 15.00 -52.99 -0.95
N SER A 257 14.33 -53.85 -1.72
CA SER A 257 14.69 -55.27 -1.78
C SER A 257 15.94 -55.55 -2.58
N SER A 258 16.05 -55.00 -3.78
CA SER A 258 17.20 -55.28 -4.62
C SER A 258 18.31 -54.29 -4.26
N LYS A 259 19.56 -54.67 -4.49
CA LYS A 259 20.67 -53.79 -4.14
C LYS A 259 20.86 -52.74 -5.23
N THR A 260 19.75 -52.33 -5.85
CA THR A 260 19.79 -51.35 -6.92
C THR A 260 20.41 -50.04 -6.44
N LEU A 261 20.03 -49.63 -5.23
CA LEU A 261 20.57 -48.41 -4.65
C LEU A 261 22.08 -48.49 -4.43
N ALA A 262 22.54 -49.61 -3.92
CA ALA A 262 23.97 -49.77 -3.62
C ALA A 262 24.82 -49.89 -4.87
N LYS A 263 24.20 -50.23 -6.00
CA LYS A 263 24.92 -50.40 -7.25
C LYS A 263 25.05 -49.11 -8.07
N LEU A 264 24.27 -48.09 -7.74
CA LEU A 264 24.26 -46.86 -8.54
C LEU A 264 25.57 -46.11 -8.53
N ILE A 265 26.06 -45.77 -7.35
CA ILE A 265 27.29 -45.01 -7.23
C ILE A 265 28.48 -45.77 -7.87
N PRO A 266 28.65 -47.08 -7.56
CA PRO A 266 29.76 -47.76 -8.24
C PRO A 266 29.61 -47.80 -9.76
N LEU A 267 28.38 -47.85 -10.27
CA LEU A 267 28.19 -47.77 -11.72
C LEU A 267 28.67 -46.42 -12.22
N ILE A 268 28.30 -45.36 -11.51
CA ILE A 268 28.68 -43.99 -11.86
C ILE A 268 30.21 -43.84 -11.92
N GLU A 269 30.89 -44.35 -10.91
CA GLU A 269 32.33 -44.26 -10.82
C GLU A 269 33.03 -45.11 -11.90
N ASP A 270 32.47 -46.29 -12.18
CA ASP A 270 33.00 -47.15 -13.22
C ASP A 270 32.92 -46.46 -14.57
N VAL A 271 31.83 -45.76 -14.82
CA VAL A 271 31.64 -45.06 -16.07
C VAL A 271 32.68 -43.95 -16.23
N LEU A 272 33.03 -43.28 -15.14
CA LEU A 272 33.97 -42.18 -15.24
C LEU A 272 35.43 -42.66 -15.25
N ALA A 273 35.65 -43.90 -14.86
CA ALA A 273 37.02 -44.44 -14.81
C ALA A 273 37.55 -44.70 -16.22
N ALA A 274 36.64 -44.74 -17.20
CA ALA A 274 36.99 -44.98 -18.59
C ALA A 274 37.86 -43.85 -19.16
N GLY A 275 37.87 -42.72 -18.48
CA GLY A 275 38.75 -41.63 -18.82
C GLY A 275 40.19 -42.05 -18.64
N GLU A 276 40.40 -43.01 -17.73
CA GLU A 276 41.69 -43.63 -17.45
C GLU A 276 42.65 -42.69 -16.74
N ILE A 277 42.18 -41.50 -16.40
CA ILE A 277 42.95 -40.60 -15.55
C ILE A 277 42.69 -41.01 -14.10
N GLN A 278 43.73 -40.90 -13.28
CA GLN A 278 43.65 -41.33 -11.89
C GLN A 278 42.54 -40.59 -11.15
N PRO A 279 41.59 -41.35 -10.58
CA PRO A 279 40.48 -40.80 -9.81
C PRO A 279 40.95 -40.42 -8.41
N PRO A 280 40.36 -39.38 -7.80
CA PRO A 280 40.68 -38.82 -6.47
C PRO A 280 41.35 -39.79 -5.50
N LEU B 4 1.36 -21.30 -15.07
CA LEU B 4 2.39 -20.29 -14.82
C LEU B 4 3.52 -20.86 -13.98
N PRO B 5 4.75 -20.75 -14.48
CA PRO B 5 5.92 -21.27 -13.77
C PRO B 5 6.33 -20.35 -12.62
N LEU B 6 6.94 -20.92 -11.58
CA LEU B 6 7.38 -20.14 -10.43
C LEU B 6 8.85 -19.76 -10.53
N ASN B 7 9.09 -18.46 -10.73
CA ASN B 7 10.45 -17.95 -10.91
C ASN B 7 10.99 -17.17 -9.72
N PRO B 8 12.13 -17.62 -9.16
CA PRO B 8 12.85 -16.89 -8.11
C PRO B 8 13.04 -15.43 -8.48
N ILE B 9 12.77 -14.53 -7.53
CA ILE B 9 12.98 -13.12 -7.76
C ILE B 9 14.46 -12.81 -7.51
N PRO B 10 15.00 -11.77 -8.17
CA PRO B 10 16.42 -11.40 -8.01
C PRO B 10 16.83 -11.26 -6.55
N LEU B 11 18.03 -11.73 -6.23
CA LEU B 11 18.58 -11.63 -4.88
C LEU B 11 18.67 -10.18 -4.40
N LYS B 12 18.90 -9.24 -5.33
CA LYS B 12 18.99 -7.83 -4.96
C LYS B 12 17.66 -7.31 -4.44
N ASP B 13 16.58 -7.93 -4.90
CA ASP B 13 15.23 -7.49 -4.57
C ASP B 13 14.68 -8.21 -3.34
N ARG B 14 15.57 -8.64 -2.44
CA ARG B 14 15.14 -9.31 -1.21
C ARG B 14 15.78 -8.75 0.06
N VAL B 15 15.18 -9.08 1.18
CA VAL B 15 15.81 -8.90 2.47
C VAL B 15 17.06 -9.78 2.48
N SER B 16 18.19 -9.26 2.94
CA SER B 16 19.46 -9.98 2.87
C SER B 16 19.35 -11.30 3.58
N MET B 17 19.00 -11.24 4.84
CA MET B 17 19.01 -12.43 5.67
C MET B 17 18.06 -12.34 6.88
N ILE B 18 17.64 -13.50 7.37
CA ILE B 18 16.80 -13.59 8.54
C ILE B 18 17.35 -14.71 9.41
N PHE B 19 17.57 -14.43 10.69
CA PHE B 19 18.01 -15.45 11.61
C PHE B 19 16.83 -15.94 12.41
N LEU B 20 16.66 -17.27 12.44
CA LEU B 20 15.59 -17.88 13.20
C LEU B 20 16.19 -18.65 14.36
N GLN B 21 15.79 -18.29 15.57
CA GLN B 21 16.42 -18.86 16.77
C GLN B 21 15.73 -20.12 17.27
N TYR B 22 14.40 -20.10 17.32
CA TYR B 22 13.64 -21.24 17.82
C TYR B 22 12.44 -21.61 16.96
N GLY B 23 11.90 -22.79 17.21
CA GLY B 23 10.65 -23.19 16.60
C GLY B 23 10.84 -24.15 15.44
N GLN B 24 9.76 -24.40 14.72
CA GLN B 24 9.81 -25.27 13.56
C GLN B 24 9.35 -24.51 12.33
N ILE B 25 10.12 -24.63 11.25
CA ILE B 25 9.77 -23.91 10.03
C ILE B 25 9.06 -24.88 9.09
N ASP B 26 7.97 -24.42 8.51
CA ASP B 26 7.04 -25.29 7.83
C ASP B 26 6.19 -24.53 6.81
N VAL B 27 5.42 -25.28 6.03
CA VAL B 27 4.47 -24.71 5.10
C VAL B 27 3.10 -25.26 5.45
N ILE B 28 2.23 -24.38 5.90
CA ILE B 28 0.90 -24.78 6.31
C ILE B 28 -0.14 -23.86 5.70
N ASP B 29 -1.18 -24.46 5.13
CA ASP B 29 -2.20 -23.74 4.40
C ASP B 29 -1.56 -22.84 3.34
N GLY B 30 -0.52 -23.38 2.70
CA GLY B 30 0.14 -22.72 1.60
C GLY B 30 0.96 -21.49 2.00
N ALA B 31 1.44 -21.45 3.23
CA ALA B 31 2.29 -20.34 3.65
C ALA B 31 3.51 -20.81 4.42
N PHE B 32 4.67 -20.35 3.97
CA PHE B 32 5.93 -20.60 4.67
C PHE B 32 5.81 -19.98 6.05
N VAL B 33 6.08 -20.77 7.07
CA VAL B 33 5.68 -20.38 8.41
C VAL B 33 6.62 -20.88 9.49
N LEU B 34 6.92 -20.02 10.46
CA LEU B 34 7.64 -20.42 11.66
C LEU B 34 6.64 -20.72 12.75
N ILE B 35 6.79 -21.88 13.37
CA ILE B 35 5.83 -22.35 14.35
C ILE B 35 6.39 -22.33 15.75
N ASP B 36 5.74 -21.54 16.59
CA ASP B 36 6.09 -21.39 18.00
C ASP B 36 5.82 -22.70 18.75
N LYS B 37 6.50 -22.88 19.88
CA LYS B 37 6.25 -24.04 20.72
C LYS B 37 4.79 -24.08 21.19
N THR B 38 4.20 -22.90 21.36
CA THR B 38 2.80 -22.76 21.76
C THR B 38 1.84 -23.08 20.60
N GLY B 39 2.32 -22.92 19.38
CA GLY B 39 1.51 -23.22 18.22
C GLY B 39 1.25 -22.00 17.36
N ILE B 40 1.78 -20.86 17.80
CA ILE B 40 1.69 -19.64 17.01
C ILE B 40 2.43 -19.77 15.68
N ARG B 41 1.80 -19.24 14.65
CA ARG B 41 2.34 -19.30 13.31
C ARG B 41 2.81 -17.93 12.89
N THR B 42 4.06 -17.81 12.47
CA THR B 42 4.54 -16.55 11.92
C THR B 42 4.80 -16.74 10.43
N HIS B 43 4.15 -15.91 9.64
CA HIS B 43 4.32 -15.95 8.21
C HIS B 43 5.59 -15.24 7.80
N ILE B 44 6.49 -15.95 7.14
CA ILE B 44 7.66 -15.29 6.57
C ILE B 44 7.54 -15.44 5.06
N PRO B 45 7.48 -14.33 4.32
CA PRO B 45 7.37 -14.51 2.86
C PRO B 45 8.72 -14.98 2.33
N VAL B 46 8.87 -16.30 2.28
CA VAL B 46 10.15 -16.95 2.08
C VAL B 46 10.84 -16.50 0.78
N GLY B 47 10.04 -16.22 -0.24
CA GLY B 47 10.56 -15.85 -1.54
C GLY B 47 11.18 -14.47 -1.59
N SER B 48 10.93 -13.65 -0.58
CA SER B 48 11.44 -12.28 -0.59
C SER B 48 12.62 -12.07 0.35
N VAL B 49 13.24 -13.17 0.78
CA VAL B 49 14.46 -13.09 1.56
C VAL B 49 15.52 -13.98 0.90
N ALA B 50 16.78 -13.50 0.90
CA ALA B 50 17.85 -14.23 0.24
C ALA B 50 18.44 -15.33 1.11
N CYS B 51 18.54 -15.09 2.41
CA CYS B 51 19.12 -16.09 3.30
C CYS B 51 18.32 -16.27 4.58
N ILE B 52 17.97 -17.51 4.88
CA ILE B 52 17.31 -17.79 6.15
C ILE B 52 18.26 -18.66 6.95
N MET B 53 18.77 -18.13 8.05
CA MET B 53 19.68 -18.90 8.89
C MET B 53 18.94 -19.60 10.01
N LEU B 54 19.35 -20.83 10.31
CA LEU B 54 18.66 -21.63 11.31
C LEU B 54 19.59 -21.93 12.46
N GLU B 55 19.31 -21.30 13.60
CA GLU B 55 20.11 -21.50 14.80
C GLU B 55 19.68 -22.79 15.48
N PRO B 56 20.54 -23.34 16.35
CA PRO B 56 20.23 -24.63 16.98
C PRO B 56 18.92 -24.61 17.73
N GLY B 57 18.20 -25.72 17.68
CA GLY B 57 16.89 -25.75 18.28
C GLY B 57 15.81 -25.35 17.30
N THR B 58 16.11 -25.55 16.02
CA THR B 58 15.10 -25.37 14.98
C THR B 58 14.93 -26.66 14.20
N ARG B 59 13.67 -26.96 13.91
CA ARG B 59 13.31 -28.11 13.11
C ARG B 59 12.86 -27.60 11.76
N VAL B 60 13.17 -28.36 10.72
CA VAL B 60 12.73 -27.99 9.38
C VAL B 60 11.90 -29.12 8.79
N SER B 61 10.78 -28.77 8.21
CA SER B 61 9.91 -29.78 7.63
C SER B 61 10.31 -29.99 6.18
N HIS B 62 9.88 -31.10 5.59
CA HIS B 62 10.16 -31.41 4.21
C HIS B 62 9.60 -30.30 3.34
N ALA B 63 8.36 -29.89 3.62
CA ALA B 63 7.67 -28.90 2.80
C ALA B 63 8.40 -27.57 2.80
N ALA B 64 9.09 -27.28 3.91
CA ALA B 64 9.81 -26.01 4.05
C ALA B 64 11.08 -26.01 3.23
N VAL B 65 11.89 -27.07 3.38
CA VAL B 65 13.10 -27.24 2.60
C VAL B 65 12.79 -27.18 1.12
N ARG B 66 11.69 -27.82 0.75
CA ARG B 66 11.24 -27.89 -0.63
C ARG B 66 10.90 -26.51 -1.19
N LEU B 67 10.04 -25.78 -0.50
CA LEU B 67 9.56 -24.50 -1.02
C LEU B 67 10.69 -23.46 -1.14
N ALA B 68 11.57 -23.44 -0.15
CA ALA B 68 12.71 -22.51 -0.15
C ALA B 68 13.56 -22.75 -1.38
N ALA B 69 13.82 -24.02 -1.68
CA ALA B 69 14.62 -24.36 -2.85
C ALA B 69 13.94 -23.90 -4.13
N GLN B 70 12.63 -24.01 -4.17
CA GLN B 70 11.88 -23.67 -5.37
C GLN B 70 11.80 -22.17 -5.60
N VAL B 71 11.87 -21.38 -4.53
CA VAL B 71 11.78 -19.93 -4.66
C VAL B 71 13.16 -19.26 -4.64
N GLY B 72 14.21 -20.06 -4.59
CA GLY B 72 15.56 -19.57 -4.69
C GLY B 72 16.06 -18.88 -3.43
N THR B 73 15.59 -19.37 -2.29
CA THR B 73 16.01 -18.89 -0.99
C THR B 73 16.92 -19.90 -0.30
N LEU B 74 18.19 -19.54 -0.13
CA LEU B 74 19.13 -20.44 0.51
C LEU B 74 18.77 -20.65 1.99
N LEU B 75 18.74 -21.89 2.45
CA LEU B 75 18.56 -22.17 3.88
C LEU B 75 19.88 -22.54 4.50
N VAL B 76 20.30 -21.80 5.51
CA VAL B 76 21.59 -22.06 6.11
C VAL B 76 21.50 -22.41 7.59
N TRP B 77 21.89 -23.63 7.93
CA TRP B 77 22.02 -24.02 9.33
C TRP B 77 23.28 -23.36 9.92
N VAL B 78 23.12 -22.63 11.02
CA VAL B 78 24.27 -21.99 11.66
C VAL B 78 24.42 -22.53 13.07
N GLY B 79 25.63 -22.41 13.61
CA GLY B 79 25.91 -22.87 14.95
C GLY B 79 26.50 -21.74 15.77
N GLU B 80 27.52 -22.07 16.55
CA GLU B 80 28.19 -21.10 17.40
C GLU B 80 28.82 -20.01 16.54
N ALA B 81 28.68 -18.77 16.96
CA ALA B 81 29.17 -17.59 16.23
C ALA B 81 28.58 -17.47 14.83
N GLY B 82 27.47 -18.17 14.60
CA GLY B 82 26.81 -18.13 13.31
C GLY B 82 27.61 -18.76 12.19
N VAL B 83 28.55 -19.63 12.53
CA VAL B 83 29.37 -20.32 11.52
C VAL B 83 28.47 -21.27 10.73
N ARG B 84 28.72 -21.39 9.43
CA ARG B 84 27.92 -22.27 8.58
C ARG B 84 28.09 -23.73 8.99
N VAL B 85 26.96 -24.38 9.29
CA VAL B 85 26.96 -25.80 9.64
C VAL B 85 26.52 -26.64 8.45
N TYR B 86 25.53 -26.14 7.72
CA TYR B 86 24.99 -26.82 6.56
C TYR B 86 24.21 -25.85 5.68
N ALA B 87 23.89 -26.25 4.45
CA ALA B 87 22.97 -25.49 3.63
C ALA B 87 22.22 -26.40 2.70
N SER B 88 21.05 -25.96 2.24
CA SER B 88 20.25 -26.72 1.29
C SER B 88 19.64 -25.79 0.25
N GLY B 89 19.51 -26.25 -0.98
CA GLY B 89 18.87 -25.46 -2.01
C GLY B 89 18.72 -26.31 -3.24
N GLN B 90 18.45 -25.68 -4.38
N GLN B 90 18.44 -25.67 -4.37
CA GLN B 90 18.37 -26.41 -5.64
CA GLN B 90 18.40 -26.37 -5.65
C GLN B 90 19.70 -27.11 -5.87
C GLN B 90 19.71 -27.10 -5.90
N PRO B 91 19.64 -28.39 -6.24
CA PRO B 91 20.83 -29.22 -6.39
C PRO B 91 21.60 -28.86 -7.63
N GLY B 92 22.81 -28.32 -7.48
CA GLY B 92 23.68 -28.09 -8.63
C GLY B 92 23.20 -27.04 -9.61
N GLY B 93 24.13 -26.61 -10.47
CA GLY B 93 23.84 -25.66 -11.51
C GLY B 93 23.08 -26.26 -12.69
N ALA B 94 21.99 -25.62 -13.05
CA ALA B 94 21.15 -26.10 -14.12
C ALA B 94 21.86 -26.06 -15.47
N ARG B 95 22.85 -25.19 -15.60
CA ARG B 95 23.53 -25.01 -16.87
C ARG B 95 24.95 -25.56 -16.88
N SER B 96 25.17 -26.54 -17.75
CA SER B 96 26.48 -27.16 -17.85
C SER B 96 27.48 -26.18 -18.43
N ASP B 97 27.03 -25.27 -19.28
CA ASP B 97 27.98 -24.37 -19.94
C ASP B 97 28.62 -23.44 -18.91
N LYS B 98 27.85 -22.99 -17.94
CA LYS B 98 28.36 -22.16 -16.87
C LYS B 98 29.30 -22.94 -15.95
N LEU B 99 28.90 -24.15 -15.63
CA LEU B 99 29.71 -25.00 -14.77
C LEU B 99 31.07 -25.31 -15.39
N LEU B 100 31.08 -25.73 -16.65
CA LEU B 100 32.32 -26.11 -17.33
C LEU B 100 33.23 -24.92 -17.57
N TYR B 101 32.64 -23.76 -17.81
CA TYR B 101 33.36 -22.50 -17.94
C TYR B 101 34.18 -22.18 -16.70
N GLN B 102 33.53 -22.19 -15.54
CA GLN B 102 34.23 -22.02 -14.27
C GLN B 102 35.31 -23.07 -14.05
N ALA B 103 34.99 -24.31 -14.40
CA ALA B 103 35.88 -25.43 -14.16
C ALA B 103 37.13 -25.34 -15.03
N LYS B 104 36.96 -24.86 -16.27
CA LYS B 104 38.09 -24.73 -17.15
C LYS B 104 39.04 -23.67 -16.58
N LEU B 105 38.45 -22.57 -16.12
CA LEU B 105 39.20 -21.50 -15.49
C LEU B 105 39.98 -21.99 -14.29
N ALA B 106 39.41 -22.93 -13.55
CA ALA B 106 40.07 -23.36 -12.32
C ALA B 106 41.09 -24.45 -12.55
N LEU B 107 40.93 -25.21 -13.63
CA LEU B 107 41.76 -26.37 -13.92
C LEU B 107 43.04 -26.00 -14.68
N ASP B 108 42.90 -25.15 -15.68
CA ASP B 108 44.06 -24.65 -16.40
C ASP B 108 44.86 -23.68 -15.54
N GLU B 109 46.10 -24.02 -15.25
CA GLU B 109 46.96 -23.25 -14.35
C GLU B 109 47.23 -21.83 -14.84
N ASP B 110 47.29 -21.66 -16.15
CA ASP B 110 47.50 -20.33 -16.73
C ASP B 110 46.29 -19.45 -16.48
N LEU B 111 45.12 -19.98 -16.82
CA LEU B 111 43.84 -19.30 -16.63
C LEU B 111 43.57 -19.00 -15.17
N ARG B 112 43.90 -19.96 -14.31
CA ARG B 112 43.70 -19.82 -12.89
C ARG B 112 44.40 -18.57 -12.40
N LEU B 113 45.66 -18.43 -12.80
CA LEU B 113 46.48 -17.31 -12.39
C LEU B 113 45.87 -16.00 -12.87
N LYS B 114 45.41 -15.98 -14.11
CA LYS B 114 44.83 -14.77 -14.66
C LYS B 114 43.67 -14.28 -13.80
N VAL B 115 42.84 -15.24 -13.38
CA VAL B 115 41.69 -14.97 -12.52
C VAL B 115 42.14 -14.46 -11.15
N VAL B 116 43.08 -15.18 -10.53
CA VAL B 116 43.59 -14.80 -9.22
C VAL B 116 44.20 -13.39 -9.25
N ARG B 117 44.85 -13.04 -10.36
CA ARG B 117 45.40 -11.69 -10.48
C ARG B 117 44.27 -10.67 -10.45
N LYS B 118 43.17 -10.98 -11.12
CA LYS B 118 42.02 -10.09 -11.12
C LYS B 118 41.45 -9.94 -9.71
N MET B 119 41.43 -11.04 -8.98
CA MET B 119 40.94 -11.03 -7.63
C MET B 119 41.80 -10.11 -6.80
N PHE B 120 43.12 -10.22 -6.99
CA PHE B 120 44.08 -9.37 -6.32
C PHE B 120 43.85 -7.90 -6.66
N GLU B 121 43.76 -7.61 -7.95
CA GLU B 121 43.62 -6.21 -8.37
C GLU B 121 42.36 -5.58 -7.79
N LEU B 122 41.26 -6.33 -7.81
CA LEU B 122 39.98 -5.84 -7.29
C LEU B 122 40.05 -5.63 -5.78
N ARG B 123 40.65 -6.58 -5.05
CA ARG B 123 40.76 -6.47 -3.61
C ARG B 123 41.65 -5.32 -3.15
N PHE B 124 42.73 -5.07 -3.88
CA PHE B 124 43.74 -4.13 -3.42
C PHE B 124 43.88 -2.88 -4.29
N GLY B 125 43.05 -2.76 -5.31
CA GLY B 125 43.04 -1.55 -6.12
C GLY B 125 44.25 -1.29 -6.98
N GLU B 126 45.13 -2.29 -7.12
CA GLU B 126 46.31 -2.18 -7.97
C GLU B 126 46.80 -3.56 -8.44
N PRO B 127 47.48 -3.62 -9.60
CA PRO B 127 47.99 -4.90 -10.09
C PRO B 127 48.98 -5.53 -9.14
N ALA B 128 48.99 -6.85 -9.07
CA ALA B 128 49.99 -7.57 -8.31
C ALA B 128 51.35 -7.45 -9.01
N PRO B 129 52.44 -7.70 -8.28
CA PRO B 129 53.75 -7.76 -8.95
C PRO B 129 53.74 -8.76 -10.08
N ALA B 130 54.39 -8.45 -11.19
CA ALA B 130 54.40 -9.35 -12.34
C ALA B 130 55.09 -10.68 -12.02
N ARG B 131 54.74 -11.70 -12.82
CA ARG B 131 55.35 -13.03 -12.74
C ARG B 131 55.33 -13.67 -11.36
N ARG B 132 54.21 -13.51 -10.64
CA ARG B 132 54.03 -14.18 -9.36
C ARG B 132 53.03 -15.31 -9.54
N SER B 133 53.32 -16.43 -8.87
CA SER B 133 52.45 -17.60 -8.86
C SER B 133 51.28 -17.40 -7.90
N VAL B 134 50.32 -18.32 -7.92
CA VAL B 134 49.20 -18.24 -6.99
C VAL B 134 49.70 -18.36 -5.55
N GLU B 135 50.66 -19.24 -5.29
CA GLU B 135 51.19 -19.41 -3.93
C GLU B 135 51.83 -18.12 -3.47
N GLN B 136 52.63 -17.52 -4.35
CA GLN B 136 53.28 -16.25 -4.06
C GLN B 136 52.29 -15.13 -3.82
N LEU B 137 51.24 -15.09 -4.64
CA LEU B 137 50.25 -14.03 -4.56
C LEU B 137 49.46 -14.11 -3.26
N ARG B 138 49.30 -15.31 -2.74
CA ARG B 138 48.55 -15.47 -1.51
C ARG B 138 49.35 -14.93 -0.32
N GLY B 139 50.66 -15.12 -0.36
CA GLY B 139 51.54 -14.60 0.67
C GLY B 139 51.49 -13.08 0.71
N ILE B 140 51.57 -12.47 -0.47
CA ILE B 140 51.46 -11.02 -0.58
C ILE B 140 50.14 -10.55 -0.02
N GLU B 141 49.07 -11.24 -0.40
CA GLU B 141 47.73 -10.96 0.09
C GLU B 141 47.63 -11.13 1.60
N GLY B 142 48.12 -12.27 2.09
CA GLY B 142 48.14 -12.57 3.51
C GLY B 142 48.84 -11.48 4.28
N SER B 143 49.99 -11.08 3.76
CA SER B 143 50.77 -10.01 4.34
C SER B 143 49.97 -8.71 4.40
N ARG B 144 49.33 -8.34 3.29
CA ARG B 144 48.53 -7.12 3.27
C ARG B 144 47.38 -7.17 4.27
N VAL B 145 46.75 -8.34 4.38
CA VAL B 145 45.57 -8.51 5.22
C VAL B 145 45.95 -8.30 6.69
N ARG B 146 47.01 -8.99 7.14
CA ARG B 146 47.50 -8.82 8.51
C ARG B 146 47.75 -7.35 8.83
N ALA B 147 48.24 -6.60 7.85
CA ALA B 147 48.45 -5.17 8.01
C ALA B 147 47.13 -4.44 8.29
N THR B 148 46.12 -4.71 7.48
CA THR B 148 44.84 -4.03 7.61
C THR B 148 44.12 -4.42 8.91
N TYR B 149 44.33 -5.65 9.36
CA TYR B 149 43.80 -6.09 10.64
C TYR B 149 44.38 -5.25 11.76
N ALA B 150 45.70 -5.10 11.73
CA ALA B 150 46.44 -4.32 12.72
C ALA B 150 46.06 -2.85 12.64
N LEU B 151 46.05 -2.34 11.42
CA LEU B 151 45.73 -0.94 11.17
C LEU B 151 44.33 -0.57 11.66
N LEU B 152 43.36 -1.47 11.48
CA LEU B 152 41.99 -1.21 11.94
C LEU B 152 41.92 -1.23 13.46
N ALA B 153 42.68 -2.13 14.08
CA ALA B 153 42.70 -2.25 15.54
C ALA B 153 43.22 -0.97 16.16
N LYS B 154 44.19 -0.35 15.50
CA LYS B 154 44.77 0.89 15.97
C LYS B 154 43.76 2.03 15.84
N GLN B 155 42.86 1.92 14.86
CA GLN B 155 41.94 3.00 14.56
C GLN B 155 40.64 2.92 15.34
N TYR B 156 40.43 1.82 16.05
CA TYR B 156 39.21 1.63 16.83
C TYR B 156 39.58 1.40 18.28
N GLY B 157 40.88 1.31 18.53
CA GLY B 157 41.34 1.14 19.88
C GLY B 157 40.98 -0.25 20.36
N VAL B 158 41.15 -1.21 19.47
CA VAL B 158 40.91 -2.59 19.84
C VAL B 158 42.23 -3.28 20.05
N THR B 159 42.34 -4.02 21.15
CA THR B 159 43.56 -4.76 21.43
C THR B 159 43.70 -5.85 20.39
N TRP B 160 44.89 -5.94 19.81
CA TRP B 160 45.10 -6.89 18.73
C TRP B 160 46.26 -7.83 19.05
N ASN B 161 45.96 -9.11 19.21
CA ASN B 161 46.98 -10.12 19.41
C ASN B 161 47.13 -10.95 18.15
N GLY B 162 46.47 -10.50 17.08
CA GLY B 162 46.47 -11.18 15.81
C GLY B 162 45.09 -11.69 15.47
N ARG B 163 44.96 -12.39 14.35
CA ARG B 163 43.66 -12.94 13.96
C ARG B 163 43.64 -14.47 14.01
N ARG B 164 42.73 -15.01 14.81
CA ARG B 164 42.57 -16.44 14.97
C ARG B 164 41.32 -16.96 14.25
N TYR B 165 41.49 -17.64 13.11
CA TYR B 165 40.35 -18.19 12.40
C TYR B 165 39.91 -19.50 13.06
N ASP B 174 37.69 -12.92 23.97
CA ASP B 174 38.11 -12.44 22.65
C ASP B 174 36.92 -11.89 21.87
N THR B 175 36.51 -10.67 22.22
CA THR B 175 35.38 -10.00 21.58
C THR B 175 35.63 -9.66 20.11
N ILE B 176 36.84 -9.22 19.78
CA ILE B 176 37.11 -8.79 18.41
C ILE B 176 37.09 -9.95 17.41
N ASN B 177 37.67 -11.09 17.76
CA ASN B 177 37.70 -12.20 16.82
C ASN B 177 36.34 -12.82 16.59
N GLN B 178 35.52 -12.83 17.64
CA GLN B 178 34.17 -13.36 17.53
C GLN B 178 33.33 -12.45 16.67
N CYS B 179 33.54 -11.14 16.78
CA CYS B 179 32.79 -10.18 15.99
C CYS B 179 33.20 -10.27 14.52
N ILE B 180 34.50 -10.41 14.27
CA ILE B 180 35.00 -10.52 12.89
C ILE B 180 34.45 -11.75 12.20
N SER B 181 34.53 -12.90 12.88
CA SER B 181 33.97 -14.14 12.34
C SER B 181 32.47 -14.04 12.07
N ALA B 182 31.74 -13.47 13.01
CA ALA B 182 30.31 -13.25 12.86
C ALA B 182 30.02 -12.37 11.66
N ALA B 183 30.84 -11.35 11.47
CA ALA B 183 30.63 -10.41 10.38
C ALA B 183 30.85 -11.08 9.03
N THR B 184 31.92 -11.87 8.93
CA THR B 184 32.26 -12.46 7.65
C THR B 184 31.33 -13.64 7.33
N SER B 185 30.83 -14.32 8.36
CA SER B 185 29.84 -15.37 8.16
C SER B 185 28.56 -14.83 7.53
N CYS B 186 28.21 -13.60 7.86
CA CYS B 186 27.06 -12.98 7.25
C CYS B 186 27.36 -12.73 5.77
N LEU B 187 28.60 -12.34 5.47
CA LEU B 187 28.98 -12.08 4.09
C LEU B 187 29.14 -13.37 3.30
N TYR B 188 29.70 -14.40 3.93
CA TYR B 188 29.83 -15.72 3.30
C TYR B 188 28.46 -16.33 2.95
N GLY B 189 27.47 -16.04 3.78
CA GLY B 189 26.13 -16.59 3.60
C GLY B 189 25.48 -16.03 2.37
N VAL B 190 25.49 -14.70 2.23
CA VAL B 190 24.83 -14.08 1.09
C VAL B 190 25.67 -14.22 -0.17
N THR B 191 26.95 -14.58 -0.01
CA THR B 191 27.81 -14.82 -1.16
C THR B 191 27.58 -16.22 -1.73
N GLU B 192 27.46 -17.22 -0.86
CA GLU B 192 27.08 -18.56 -1.30
C GLU B 192 25.76 -18.49 -2.08
N ALA B 193 24.83 -17.68 -1.59
CA ALA B 193 23.54 -17.46 -2.24
C ALA B 193 23.70 -16.83 -3.63
N ALA B 194 24.64 -15.91 -3.75
CA ALA B 194 24.84 -15.20 -5.00
C ALA B 194 25.49 -16.10 -6.05
N ILE B 195 26.43 -16.92 -5.61
CA ILE B 195 27.11 -17.84 -6.49
C ILE B 195 26.11 -18.87 -7.05
N LEU B 196 25.29 -19.44 -6.17
CA LEU B 196 24.26 -20.37 -6.59
C LEU B 196 23.27 -19.71 -7.53
N ALA B 197 22.91 -18.47 -7.22
CA ALA B 197 21.97 -17.74 -8.05
C ALA B 197 22.57 -17.48 -9.44
N ALA B 198 23.90 -17.41 -9.52
CA ALA B 198 24.55 -17.13 -10.79
C ALA B 198 24.79 -18.43 -11.55
N GLY B 199 24.65 -19.55 -10.87
CA GLY B 199 24.74 -20.83 -11.52
C GLY B 199 26.11 -21.46 -11.46
N TYR B 200 26.95 -21.00 -10.56
CA TYR B 200 28.28 -21.55 -10.48
C TYR B 200 28.40 -22.43 -9.25
N ALA B 201 29.51 -23.16 -9.15
CA ALA B 201 29.72 -24.03 -8.00
C ALA B 201 30.43 -23.27 -6.89
N PRO B 202 29.83 -23.23 -5.70
CA PRO B 202 30.50 -22.61 -4.57
C PRO B 202 31.79 -23.33 -4.23
N ALA B 203 31.91 -24.58 -4.67
CA ALA B 203 32.99 -25.43 -4.20
C ALA B 203 34.26 -25.27 -5.03
N ILE B 204 34.12 -24.67 -6.22
CA ILE B 204 35.25 -24.56 -7.13
C ILE B 204 35.85 -23.16 -7.10
N GLY B 205 36.98 -23.03 -6.42
CA GLY B 205 37.61 -21.75 -6.18
C GLY B 205 38.95 -21.60 -6.86
N PHE B 206 39.60 -20.46 -6.63
CA PHE B 206 40.86 -20.12 -7.27
C PHE B 206 42.03 -19.89 -6.30
N VAL B 207 41.79 -19.12 -5.25
CA VAL B 207 42.77 -18.94 -4.18
C VAL B 207 42.60 -20.03 -3.12
N HIS B 208 41.42 -20.09 -2.52
CA HIS B 208 41.10 -21.12 -1.55
C HIS B 208 40.73 -22.37 -2.32
N THR B 209 41.31 -23.51 -1.97
CA THR B 209 41.11 -24.71 -2.77
C THR B 209 40.98 -25.98 -1.95
N GLY B 210 40.18 -26.90 -2.50
CA GLY B 210 39.90 -28.21 -1.93
C GLY B 210 38.88 -28.18 -0.81
N LYS B 211 38.49 -26.97 -0.44
CA LYS B 211 37.56 -26.71 0.66
C LYS B 211 36.12 -26.62 0.15
N PRO B 212 35.14 -26.77 1.05
CA PRO B 212 33.74 -26.86 0.62
C PRO B 212 33.20 -25.60 -0.08
N LEU B 213 33.62 -24.43 0.38
CA LEU B 213 33.09 -23.20 -0.19
C LEU B 213 34.18 -22.30 -0.71
N SER B 214 35.12 -22.91 -1.41
CA SER B 214 36.31 -22.21 -1.89
C SER B 214 35.99 -20.97 -2.70
N PHE B 215 35.01 -21.04 -3.59
CA PHE B 215 34.73 -19.89 -4.41
C PHE B 215 34.07 -18.78 -3.59
N VAL B 216 33.40 -19.16 -2.51
CA VAL B 216 32.77 -18.20 -1.62
C VAL B 216 33.84 -17.35 -0.94
N TYR B 217 34.80 -18.02 -0.32
CA TYR B 217 35.90 -17.34 0.35
C TYR B 217 36.63 -16.45 -0.64
N ASP B 218 36.81 -16.95 -1.86
CA ASP B 218 37.50 -16.18 -2.90
C ASP B 218 36.78 -14.87 -3.19
N ILE B 219 35.47 -14.95 -3.42
CA ILE B 219 34.70 -13.77 -3.79
C ILE B 219 34.47 -12.80 -2.61
N ALA B 220 34.11 -13.34 -1.45
CA ALA B 220 33.78 -12.49 -0.32
C ALA B 220 35.00 -11.74 0.21
N ASP B 221 36.16 -12.40 0.23
CA ASP B 221 37.39 -11.78 0.72
C ASP B 221 37.81 -10.60 -0.15
N ILE B 222 37.35 -10.56 -1.39
CA ILE B 222 37.63 -9.42 -2.26
C ILE B 222 36.98 -8.14 -1.74
N ILE B 223 35.74 -8.24 -1.26
CA ILE B 223 34.96 -7.06 -0.83
C ILE B 223 34.79 -6.97 0.68
N LYS B 224 35.37 -7.94 1.38
CA LYS B 224 35.20 -8.09 2.81
C LYS B 224 35.58 -6.85 3.63
N PHE B 225 36.76 -6.30 3.37
CA PHE B 225 37.29 -5.20 4.19
C PHE B 225 36.70 -3.81 3.88
N ASP B 226 35.90 -3.70 2.84
CA ASP B 226 35.36 -2.37 2.49
C ASP B 226 34.53 -1.76 3.62
N THR B 227 33.53 -2.49 4.09
CA THR B 227 32.66 -2.00 5.16
C THR B 227 32.42 -3.04 6.27
N VAL B 228 32.17 -4.29 5.87
CA VAL B 228 31.79 -5.36 6.81
C VAL B 228 32.77 -5.62 7.96
N VAL B 229 34.06 -5.79 7.65
CA VAL B 229 35.07 -6.06 8.70
C VAL B 229 35.39 -4.81 9.54
N PRO B 230 35.50 -3.63 8.91
CA PRO B 230 35.59 -2.42 9.74
C PRO B 230 34.45 -2.32 10.76
N LYS B 231 33.24 -2.69 10.35
CA LYS B 231 32.10 -2.67 11.25
C LYS B 231 32.29 -3.66 12.39
N ALA B 232 33.03 -4.72 12.13
CA ALA B 232 33.31 -5.70 13.17
C ALA B 232 34.14 -5.08 14.29
N PHE B 233 35.03 -4.16 13.93
CA PHE B 233 35.84 -3.47 14.93
C PHE B 233 35.05 -2.39 15.67
N GLU B 234 34.25 -1.61 14.94
CA GLU B 234 33.43 -0.55 15.53
C GLU B 234 32.49 -1.10 16.60
N ILE B 235 32.02 -2.33 16.42
CA ILE B 235 31.13 -2.96 17.37
C ILE B 235 31.90 -3.58 18.55
N ALA B 236 33.09 -4.11 18.28
CA ALA B 236 33.89 -4.75 19.32
C ALA B 236 34.42 -3.77 20.37
N ARG B 237 34.71 -2.53 19.98
CA ARG B 237 35.18 -1.55 20.96
C ARG B 237 34.08 -1.24 22.00
N ARG B 238 32.85 -1.19 21.55
CA ARG B 238 31.69 -0.94 22.40
C ARG B 238 31.51 -2.06 23.43
N ASN B 239 31.79 -3.29 23.02
CA ASN B 239 31.64 -4.47 23.87
C ASN B 239 30.22 -4.64 24.42
N PRO B 240 29.21 -4.62 23.52
CA PRO B 240 27.80 -4.72 23.96
C PRO B 240 27.41 -6.12 24.48
N GLY B 241 26.27 -6.18 25.17
CA GLY B 241 25.84 -7.43 25.76
C GLY B 241 25.62 -8.53 24.74
N GLU B 242 24.89 -8.27 23.65
CA GLU B 242 24.72 -9.31 22.62
C GLU B 242 25.50 -9.02 21.34
N PRO B 243 26.77 -9.46 21.29
CA PRO B 243 27.64 -9.14 20.14
C PRO B 243 27.17 -9.74 18.81
N ASP B 244 26.74 -10.99 18.82
CA ASP B 244 26.35 -11.66 17.60
C ASP B 244 25.16 -10.94 16.97
N ARG B 245 24.18 -10.62 17.81
CA ARG B 245 22.99 -9.96 17.30
C ARG B 245 23.31 -8.58 16.77
N GLU B 246 24.22 -7.87 17.44
CA GLU B 246 24.58 -6.52 17.03
C GLU B 246 25.29 -6.54 15.68
N VAL B 247 26.18 -7.51 15.49
CA VAL B 247 26.92 -7.65 14.23
C VAL B 247 26.01 -8.02 13.06
N ARG B 248 25.12 -8.99 13.28
CA ARG B 248 24.18 -9.44 12.25
C ARG B 248 23.30 -8.33 11.73
N LEU B 249 22.78 -7.51 12.64
CA LEU B 249 21.93 -6.40 12.24
C LEU B 249 22.73 -5.36 11.47
N ALA B 250 23.98 -5.19 11.86
CA ALA B 250 24.85 -4.20 11.24
C ALA B 250 25.20 -4.63 9.82
N CYS B 251 25.48 -5.92 9.66
CA CYS B 251 25.78 -6.46 8.35
C CYS B 251 24.58 -6.31 7.42
N ARG B 252 23.39 -6.62 7.93
CA ARG B 252 22.17 -6.49 7.14
C ARG B 252 21.98 -5.05 6.68
N ASP B 253 22.39 -4.14 7.54
CA ASP B 253 22.35 -2.72 7.24
C ASP B 253 23.37 -2.38 6.16
N ILE B 254 24.59 -2.90 6.31
CA ILE B 254 25.64 -2.72 5.31
C ILE B 254 25.17 -3.22 3.94
N PHE B 255 24.62 -4.42 3.92
CA PHE B 255 24.20 -5.07 2.67
C PHE B 255 23.14 -4.24 1.95
N ARG B 256 22.23 -3.66 2.71
CA ARG B 256 21.13 -2.90 2.12
C ARG B 256 21.66 -1.66 1.43
N SER B 257 22.41 -0.87 2.19
CA SER B 257 22.89 0.42 1.72
C SER B 257 23.99 0.31 0.67
N SER B 258 24.88 -0.65 0.84
CA SER B 258 25.95 -0.85 -0.12
C SER B 258 25.44 -1.56 -1.37
N LYS B 259 24.21 -2.06 -1.30
CA LYS B 259 23.58 -2.84 -2.35
C LYS B 259 24.47 -4.04 -2.71
N THR B 260 24.89 -4.75 -1.67
CA THR B 260 25.83 -5.86 -1.80
C THR B 260 25.35 -6.93 -2.75
N LEU B 261 24.11 -7.34 -2.61
CA LEU B 261 23.58 -8.44 -3.42
C LEU B 261 23.55 -8.08 -4.90
N ALA B 262 23.28 -6.81 -5.20
CA ALA B 262 23.25 -6.37 -6.60
C ALA B 262 24.66 -6.31 -7.20
N LYS B 263 25.66 -6.15 -6.35
CA LYS B 263 27.03 -6.02 -6.81
C LYS B 263 27.72 -7.38 -6.93
N LEU B 264 27.19 -8.38 -6.23
CA LEU B 264 27.86 -9.68 -6.17
C LEU B 264 27.83 -10.47 -7.48
N ILE B 265 26.71 -10.47 -8.20
CA ILE B 265 26.65 -11.23 -9.45
C ILE B 265 27.65 -10.68 -10.48
N PRO B 266 27.62 -9.36 -10.75
CA PRO B 266 28.60 -8.89 -11.73
C PRO B 266 30.04 -8.97 -11.25
N LEU B 267 30.25 -8.97 -9.94
CA LEU B 267 31.59 -9.16 -9.40
C LEU B 267 32.10 -10.54 -9.77
N ILE B 268 31.25 -11.54 -9.60
CA ILE B 268 31.59 -12.93 -9.93
C ILE B 268 31.91 -13.06 -11.40
N GLU B 269 31.07 -12.47 -12.24
CA GLU B 269 31.29 -12.53 -13.67
C GLU B 269 32.63 -11.90 -14.08
N ASP B 270 32.96 -10.73 -13.53
CA ASP B 270 34.25 -10.09 -13.84
C ASP B 270 35.46 -10.87 -13.39
N VAL B 271 35.41 -11.42 -12.19
CA VAL B 271 36.50 -12.22 -11.67
C VAL B 271 36.81 -13.37 -12.63
N LEU B 272 35.78 -14.04 -13.11
CA LEU B 272 35.93 -15.17 -14.01
C LEU B 272 36.31 -14.75 -15.42
N ALA B 273 35.83 -13.61 -15.88
CA ALA B 273 36.07 -13.18 -17.25
C ALA B 273 37.55 -12.86 -17.51
N ALA B 274 38.30 -12.60 -16.44
CA ALA B 274 39.71 -12.24 -16.53
C ALA B 274 40.56 -13.36 -17.14
N GLY B 275 39.97 -14.54 -17.30
CA GLY B 275 40.65 -15.66 -17.91
C GLY B 275 40.71 -15.49 -19.42
N GLU B 276 39.95 -14.52 -19.90
CA GLU B 276 39.92 -14.11 -21.30
C GLU B 276 39.44 -15.19 -22.24
N ILE B 277 38.88 -16.27 -21.71
CA ILE B 277 38.10 -17.20 -22.51
C ILE B 277 36.66 -16.70 -22.52
N GLN B 278 35.95 -16.96 -23.60
CA GLN B 278 34.58 -16.47 -23.77
C GLN B 278 33.57 -17.03 -22.77
N PRO B 279 32.82 -16.12 -22.13
CA PRO B 279 31.81 -16.47 -21.13
C PRO B 279 30.55 -16.98 -21.79
N PRO B 280 29.73 -17.72 -21.06
CA PRO B 280 28.45 -18.23 -21.56
C PRO B 280 27.45 -17.13 -21.90
N ALA B 281 26.55 -17.42 -22.84
CA ALA B 281 25.54 -16.44 -23.23
C ALA B 281 24.49 -16.30 -22.13
N PRO B 282 23.91 -15.10 -21.99
CA PRO B 282 22.84 -14.89 -21.01
C PRO B 282 21.49 -15.24 -21.61
N PRO B 283 20.47 -15.44 -20.76
CA PRO B 283 19.10 -15.61 -21.27
C PRO B 283 18.44 -14.27 -21.60
N ARG C 14 -40.21 41.39 -0.58
CA ARG C 14 -40.69 40.01 -0.62
C ARG C 14 -40.29 39.23 0.63
N VAL C 15 -41.25 38.55 1.25
CA VAL C 15 -41.01 37.86 2.51
C VAL C 15 -41.55 36.44 2.53
N SER C 16 -42.01 35.97 1.38
CA SER C 16 -42.60 34.64 1.27
C SER C 16 -41.56 33.52 1.29
N MET C 17 -41.90 32.41 1.95
CA MET C 17 -41.05 31.22 1.96
C MET C 17 -41.84 29.97 1.57
N ILE C 18 -41.27 29.16 0.69
CA ILE C 18 -41.96 27.97 0.21
C ILE C 18 -41.14 26.70 0.39
N PHE C 19 -41.83 25.57 0.42
CA PHE C 19 -41.17 24.27 0.46
C PHE C 19 -41.18 23.65 -0.93
N LEU C 20 -40.17 22.84 -1.23
CA LEU C 20 -40.19 22.00 -2.43
C LEU C 20 -39.70 20.62 -2.05
N GLN C 21 -40.40 19.57 -2.46
CA GLN C 21 -39.94 18.22 -2.15
C GLN C 21 -40.09 17.26 -3.30
N TYR C 22 -39.26 16.22 -3.28
CA TYR C 22 -39.38 15.06 -4.16
C TYR C 22 -39.52 15.47 -5.61
N GLY C 23 -38.48 16.08 -6.17
CA GLY C 23 -38.53 16.51 -7.55
C GLY C 23 -37.19 16.88 -8.15
N GLN C 24 -37.18 17.11 -9.45
CA GLN C 24 -35.99 17.60 -10.14
C GLN C 24 -36.24 19.06 -10.56
N ILE C 25 -35.28 19.92 -10.27
CA ILE C 25 -35.38 21.34 -10.61
C ILE C 25 -34.56 21.69 -11.83
N ASP C 26 -35.15 22.45 -12.74
CA ASP C 26 -34.46 22.89 -13.94
C ASP C 26 -35.11 24.17 -14.42
N VAL C 27 -34.46 24.88 -15.34
CA VAL C 27 -35.06 26.10 -15.88
C VAL C 27 -35.38 25.93 -17.36
N ILE C 28 -36.65 26.14 -17.71
CA ILE C 28 -37.06 26.10 -19.12
C ILE C 28 -37.63 27.46 -19.53
N ASP C 29 -37.07 28.03 -20.62
CA ASP C 29 -37.55 29.33 -21.11
C ASP C 29 -37.46 30.36 -19.97
N GLY C 30 -36.36 30.33 -19.22
CA GLY C 30 -36.15 31.28 -18.12
C GLY C 30 -37.25 31.10 -17.08
N ALA C 31 -37.83 29.89 -17.01
CA ALA C 31 -38.86 29.65 -16.00
C ALA C 31 -38.43 28.57 -14.99
N PHE C 32 -38.56 28.87 -13.69
CA PHE C 32 -38.17 27.93 -12.63
C PHE C 32 -39.22 26.84 -12.53
N VAL C 33 -38.83 25.58 -12.68
CA VAL C 33 -39.83 24.49 -12.67
C VAL C 33 -39.44 23.28 -11.82
N LEU C 34 -40.45 22.54 -11.35
CA LEU C 34 -40.26 21.33 -10.57
C LEU C 34 -40.89 20.13 -11.24
N ILE C 35 -40.13 19.05 -11.36
CA ILE C 35 -40.64 17.84 -11.98
C ILE C 35 -40.93 16.80 -10.92
N ASP C 36 -42.17 16.34 -10.89
CA ASP C 36 -42.61 15.37 -9.88
C ASP C 36 -42.04 14.02 -10.25
N LYS C 37 -42.13 13.06 -9.35
CA LYS C 37 -41.75 11.70 -9.73
C LYS C 37 -42.69 11.30 -10.87
N THR C 38 -43.99 11.67 -10.75
CA THR C 38 -44.92 11.60 -11.90
C THR C 38 -44.42 12.68 -12.88
N GLY C 39 -44.33 12.38 -14.18
CA GLY C 39 -43.80 13.37 -15.14
C GLY C 39 -44.45 14.77 -15.08
N ILE C 40 -45.65 14.90 -14.47
CA ILE C 40 -46.31 16.22 -14.44
C ILE C 40 -45.38 17.23 -13.77
N ARG C 41 -45.26 18.40 -14.41
CA ARG C 41 -44.33 19.46 -14.01
C ARG C 41 -45.05 20.70 -13.49
N THR C 42 -44.59 21.25 -12.38
CA THR C 42 -45.23 22.43 -11.78
C THR C 42 -44.31 23.65 -11.76
N HIS C 43 -44.82 24.79 -12.23
CA HIS C 43 -44.08 26.04 -12.25
C HIS C 43 -43.95 26.68 -10.87
N ILE C 44 -42.82 27.34 -10.63
CA ILE C 44 -42.54 27.94 -9.33
C ILE C 44 -42.30 29.44 -9.44
N PRO C 45 -43.00 30.23 -8.62
CA PRO C 45 -42.88 31.68 -8.61
C PRO C 45 -41.63 32.11 -7.86
N VAL C 46 -40.47 31.78 -8.42
CA VAL C 46 -39.19 31.95 -7.75
C VAL C 46 -38.93 33.42 -7.40
N GLY C 47 -39.39 34.34 -8.24
CA GLY C 47 -39.25 35.76 -7.99
C GLY C 47 -39.98 36.30 -6.77
N SER C 48 -41.20 35.82 -6.56
CA SER C 48 -42.07 36.32 -5.47
C SER C 48 -41.55 36.00 -4.06
N VAL C 49 -40.91 34.85 -3.90
CA VAL C 49 -40.51 34.38 -2.58
C VAL C 49 -39.11 34.85 -2.16
N ALA C 50 -38.91 34.96 -0.85
CA ALA C 50 -37.61 35.32 -0.30
C ALA C 50 -36.67 34.11 -0.19
N CYS C 51 -37.23 32.94 0.11
CA CYS C 51 -36.43 31.73 0.29
C CYS C 51 -37.15 30.47 -0.16
N ILE C 52 -36.36 29.52 -0.65
CA ILE C 52 -36.89 28.22 -1.01
C ILE C 52 -36.24 27.15 -0.14
N MET C 53 -37.05 26.35 0.53
CA MET C 53 -36.53 25.28 1.39
C MET C 53 -36.62 23.93 0.67
N LEU C 54 -35.47 23.34 0.37
CA LEU C 54 -35.44 22.08 -0.35
C LEU C 54 -35.37 20.91 0.61
N GLU C 55 -36.41 20.07 0.55
CA GLU C 55 -36.55 18.91 1.41
C GLU C 55 -35.87 17.71 0.75
N PRO C 56 -35.59 16.65 1.52
CA PRO C 56 -34.89 15.50 0.96
C PRO C 56 -35.56 14.92 -0.28
N GLY C 57 -34.74 14.50 -1.24
CA GLY C 57 -35.23 13.96 -2.48
C GLY C 57 -35.31 15.00 -3.58
N THR C 58 -34.77 16.19 -3.35
CA THR C 58 -34.73 17.19 -4.40
C THR C 58 -33.39 17.22 -5.10
N ARG C 59 -33.44 17.40 -6.42
CA ARG C 59 -32.23 17.56 -7.22
C ARG C 59 -32.31 18.89 -7.96
N VAL C 60 -31.23 19.65 -7.93
CA VAL C 60 -31.21 20.98 -8.53
C VAL C 60 -30.18 21.08 -9.66
N SER C 61 -30.63 21.58 -10.80
CA SER C 61 -29.75 21.78 -11.95
C SER C 61 -28.88 23.02 -11.74
N HIS C 62 -27.78 23.08 -12.47
CA HIS C 62 -26.88 24.22 -12.43
C HIS C 62 -27.61 25.51 -12.80
N ALA C 63 -28.51 25.40 -13.78
CA ALA C 63 -29.28 26.55 -14.25
C ALA C 63 -30.23 27.08 -13.18
N ALA C 64 -30.85 26.15 -12.46
CA ALA C 64 -31.81 26.50 -11.43
C ALA C 64 -31.13 27.27 -10.32
N VAL C 65 -29.95 26.78 -9.93
CA VAL C 65 -29.13 27.42 -8.93
C VAL C 65 -28.65 28.78 -9.41
N ARG C 66 -28.30 28.87 -10.69
CA ARG C 66 -27.88 30.14 -11.29
C ARG C 66 -29.02 31.16 -11.22
N LEU C 67 -30.21 30.74 -11.63
CA LEU C 67 -31.37 31.63 -11.64
C LEU C 67 -31.74 32.14 -10.25
N ALA C 68 -31.73 31.23 -9.27
CA ALA C 68 -31.99 31.58 -7.88
C ALA C 68 -31.03 32.67 -7.40
N ALA C 69 -29.78 32.55 -7.81
CA ALA C 69 -28.77 33.55 -7.48
C ALA C 69 -29.10 34.87 -8.15
N GLN C 70 -29.52 34.80 -9.40
CA GLN C 70 -29.77 36.00 -10.21
C GLN C 70 -30.92 36.81 -9.62
N VAL C 71 -31.95 36.11 -9.16
CA VAL C 71 -33.15 36.78 -8.66
C VAL C 71 -33.06 37.08 -7.17
N GLY C 72 -32.04 36.52 -6.52
CA GLY C 72 -31.82 36.78 -5.11
C GLY C 72 -32.77 36.05 -4.17
N THR C 73 -33.08 34.80 -4.51
CA THR C 73 -33.85 33.95 -3.61
C THR C 73 -32.92 32.92 -2.99
N LEU C 74 -32.86 32.90 -1.66
CA LEU C 74 -31.97 31.98 -0.97
C LEU C 74 -32.40 30.54 -1.12
N LEU C 75 -31.45 29.65 -1.44
CA LEU C 75 -31.72 28.23 -1.43
C LEU C 75 -31.21 27.62 -0.12
N VAL C 76 -32.13 27.03 0.64
CA VAL C 76 -31.77 26.38 1.89
C VAL C 76 -32.21 24.93 1.92
N TRP C 77 -31.25 24.02 2.06
CA TRP C 77 -31.52 22.60 2.11
C TRP C 77 -31.91 22.17 3.53
N VAL C 78 -33.13 21.65 3.68
CA VAL C 78 -33.65 21.29 5.00
C VAL C 78 -34.15 19.86 5.10
N GLY C 79 -34.48 19.44 6.33
CA GLY C 79 -35.12 18.17 6.57
C GLY C 79 -36.62 18.27 6.29
N GLU C 80 -37.33 17.14 6.32
CA GLU C 80 -38.76 17.11 6.01
C GLU C 80 -39.53 18.11 6.87
N ALA C 81 -40.31 18.97 6.20
CA ALA C 81 -41.05 20.04 6.86
C ALA C 81 -40.11 21.02 7.56
N GLY C 82 -38.82 20.93 7.24
CA GLY C 82 -37.84 21.86 7.77
C GLY C 82 -37.39 21.58 9.19
N VAL C 83 -37.27 20.30 9.55
CA VAL C 83 -36.86 19.94 10.91
C VAL C 83 -35.47 20.47 11.24
N ARG C 84 -34.53 20.27 10.31
CA ARG C 84 -33.16 20.71 10.50
C ARG C 84 -32.68 21.44 9.27
N VAL C 85 -31.68 22.30 9.42
CA VAL C 85 -31.06 22.94 8.27
C VAL C 85 -29.70 22.30 7.98
N TYR C 86 -29.55 21.71 6.81
CA TYR C 86 -28.32 21.00 6.48
C TYR C 86 -27.33 21.93 5.79
N ALA C 87 -27.83 22.79 4.91
CA ALA C 87 -26.96 23.66 4.15
C ALA C 87 -27.69 24.87 3.61
N SER C 88 -26.94 25.95 3.41
CA SER C 88 -27.50 27.17 2.86
C SER C 88 -26.64 27.65 1.70
N GLY C 89 -27.28 28.22 0.69
CA GLY C 89 -26.55 28.93 -0.34
C GLY C 89 -25.95 30.18 0.25
N GLN C 90 -24.90 30.69 -0.38
CA GLN C 90 -24.17 31.83 0.15
C GLN C 90 -23.83 31.68 1.63
N PRO C 91 -23.13 30.59 2.00
CA PRO C 91 -22.86 30.32 3.42
C PRO C 91 -22.08 31.43 4.10
N GLY C 92 -22.43 31.72 5.35
CA GLY C 92 -21.78 32.81 6.06
C GLY C 92 -22.48 34.13 5.81
N GLY C 93 -23.36 34.16 4.81
CA GLY C 93 -24.15 35.33 4.53
C GLY C 93 -23.77 35.98 3.21
N ALA C 94 -24.76 36.23 2.37
CA ALA C 94 -24.54 36.91 1.10
C ALA C 94 -24.45 38.41 1.32
N ARG C 95 -25.38 38.91 2.13
CA ARG C 95 -25.58 40.34 2.30
C ARG C 95 -24.86 40.87 3.54
N SER C 96 -23.79 41.63 3.32
CA SER C 96 -22.99 42.17 4.42
C SER C 96 -23.68 43.31 5.17
N ASP C 97 -24.50 44.07 4.46
CA ASP C 97 -25.19 45.21 5.08
C ASP C 97 -26.10 44.72 6.20
N LYS C 98 -26.78 43.61 5.96
CA LYS C 98 -27.64 43.04 6.98
C LYS C 98 -26.86 42.50 8.18
N LEU C 99 -25.77 41.80 7.93
CA LEU C 99 -25.02 41.17 9.00
C LEU C 99 -24.47 42.22 9.95
N LEU C 100 -23.84 43.23 9.37
CA LEU C 100 -23.24 44.30 10.16
C LEU C 100 -24.32 45.05 10.92
N TYR C 101 -25.48 45.19 10.29
CA TYR C 101 -26.63 45.80 10.95
C TYR C 101 -26.96 45.01 12.21
N GLN C 102 -27.10 43.70 12.09
CA GLN C 102 -27.37 42.86 13.25
C GLN C 102 -26.23 42.92 14.26
N ALA C 103 -25.01 42.80 13.76
CA ALA C 103 -23.81 42.78 14.60
C ALA C 103 -23.66 44.08 15.40
N LYS C 104 -23.95 45.21 14.76
CA LYS C 104 -23.83 46.49 15.42
C LYS C 104 -24.72 46.54 16.66
N LEU C 105 -25.96 46.07 16.50
CA LEU C 105 -26.95 46.11 17.57
C LEU C 105 -26.56 45.25 18.76
N ALA C 106 -25.78 44.21 18.49
CA ALA C 106 -25.41 43.26 19.53
C ALA C 106 -24.17 43.69 20.31
N LEU C 107 -23.43 44.66 19.75
CA LEU C 107 -22.17 45.09 20.35
C LEU C 107 -22.37 46.21 21.36
N ASP C 108 -23.39 47.03 21.13
CA ASP C 108 -23.77 48.06 22.09
C ASP C 108 -24.83 47.54 23.04
N GLU C 109 -24.48 47.42 24.33
CA GLU C 109 -25.41 46.89 25.32
C GLU C 109 -26.67 47.76 25.41
N ASP C 110 -26.49 49.07 25.26
CA ASP C 110 -27.62 49.99 25.30
C ASP C 110 -28.56 49.70 24.12
N LEU C 111 -28.00 49.54 22.92
CA LEU C 111 -28.80 49.14 21.77
C LEU C 111 -29.36 47.74 21.96
N ARG C 112 -28.62 46.92 22.71
CA ARG C 112 -28.97 45.52 22.90
C ARG C 112 -30.24 45.39 23.73
N LEU C 113 -30.34 46.20 24.79
CA LEU C 113 -31.52 46.18 25.64
C LEU C 113 -32.76 46.47 24.83
N LYS C 114 -32.67 47.47 23.95
CA LYS C 114 -33.81 47.89 23.15
C LYS C 114 -34.39 46.75 22.34
N VAL C 115 -33.51 45.90 21.82
CA VAL C 115 -33.96 44.73 21.07
C VAL C 115 -34.46 43.68 22.05
N VAL C 116 -33.79 43.54 23.18
CA VAL C 116 -34.25 42.59 24.20
C VAL C 116 -35.63 43.00 24.69
N ARG C 117 -35.79 44.29 24.97
CA ARG C 117 -37.07 44.81 25.47
C ARG C 117 -38.17 44.58 24.45
N LYS C 118 -37.89 44.84 23.18
CA LYS C 118 -38.87 44.64 22.12
C LYS C 118 -39.30 43.18 22.10
N MET C 119 -38.34 42.30 22.38
CA MET C 119 -38.62 40.87 22.38
C MET C 119 -39.60 40.54 23.49
N PHE C 120 -39.37 41.06 24.68
CA PHE C 120 -40.27 40.81 25.79
C PHE C 120 -41.64 41.45 25.51
N GLU C 121 -41.63 42.65 24.97
CA GLU C 121 -42.85 43.38 24.60
C GLU C 121 -43.69 42.55 23.64
N LEU C 122 -43.05 41.86 22.71
CA LEU C 122 -43.76 40.98 21.79
C LEU C 122 -44.11 39.65 22.46
N ARG C 123 -43.31 39.23 23.46
CA ARG C 123 -43.56 37.97 24.17
C ARG C 123 -44.87 38.01 24.95
N PHE C 124 -45.10 39.09 25.69
CA PHE C 124 -46.38 39.35 26.35
C PHE C 124 -47.00 40.64 25.75
N GLY C 125 -48.14 40.47 25.07
CA GLY C 125 -48.85 41.54 24.36
C GLY C 125 -48.64 42.99 24.77
N GLU C 135 -32.89 42.46 32.67
CA GLU C 135 -32.31 41.29 33.31
C GLU C 135 -33.31 40.61 34.26
N GLN C 136 -34.08 41.42 34.99
CA GLN C 136 -35.12 40.94 35.89
C GLN C 136 -36.20 40.20 35.11
N LEU C 137 -36.39 40.64 33.87
CA LEU C 137 -37.41 40.11 32.97
C LEU C 137 -37.21 38.63 32.62
N ARG C 138 -35.96 38.22 32.45
CA ARG C 138 -35.65 36.83 32.08
C ARG C 138 -36.30 35.83 33.06
N GLY C 139 -36.28 36.14 34.34
CA GLY C 139 -36.91 35.31 35.35
C GLY C 139 -38.42 35.35 35.23
N ILE C 140 -38.94 36.56 35.01
CA ILE C 140 -40.38 36.79 34.86
C ILE C 140 -40.97 36.06 33.66
N GLU C 141 -40.28 36.12 32.53
CA GLU C 141 -40.71 35.38 31.34
C GLU C 141 -40.72 33.89 31.61
N GLY C 142 -39.74 33.42 32.37
CA GLY C 142 -39.62 32.01 32.69
C GLY C 142 -40.80 31.54 33.50
N SER C 143 -41.24 32.41 34.42
CA SER C 143 -42.41 32.16 35.24
C SER C 143 -43.70 32.25 34.44
N ARG C 144 -43.73 33.21 33.52
CA ARG C 144 -44.88 33.41 32.65
C ARG C 144 -45.08 32.20 31.74
N VAL C 145 -43.96 31.66 31.25
CA VAL C 145 -43.97 30.51 30.36
C VAL C 145 -44.41 29.26 31.12
N ARG C 146 -43.92 29.12 32.34
CA ARG C 146 -44.26 27.98 33.17
C ARG C 146 -45.78 27.89 33.34
N ALA C 147 -46.42 29.05 33.47
CA ALA C 147 -47.87 29.12 33.63
C ALA C 147 -48.60 28.85 32.32
N THR C 148 -48.06 29.36 31.22
CA THR C 148 -48.67 29.16 29.91
C THR C 148 -48.70 27.67 29.59
N TYR C 149 -47.68 26.95 30.03
CA TYR C 149 -47.67 25.50 29.91
C TYR C 149 -48.77 24.85 30.74
N ALA C 150 -49.01 25.39 31.94
CA ALA C 150 -50.02 24.83 32.84
C ALA C 150 -51.45 24.96 32.30
N LEU C 151 -51.79 26.14 31.79
CA LEU C 151 -53.11 26.38 31.20
C LEU C 151 -53.38 25.50 30.00
N LEU C 152 -52.39 25.36 29.12
CA LEU C 152 -52.53 24.52 27.93
C LEU C 152 -52.71 23.06 28.34
N ALA C 153 -52.08 22.68 29.45
CA ALA C 153 -52.21 21.34 29.98
C ALA C 153 -53.64 21.07 30.45
N LYS C 154 -54.27 22.08 31.03
CA LYS C 154 -55.64 21.96 31.48
C LYS C 154 -56.57 21.76 30.29
N GLN C 155 -56.30 22.49 29.22
CA GLN C 155 -57.18 22.50 28.05
C GLN C 155 -57.26 21.18 27.32
N TYR C 156 -56.11 20.54 27.14
CA TYR C 156 -56.08 19.32 26.37
C TYR C 156 -56.16 18.11 27.30
N GLY C 157 -56.33 18.39 28.59
CA GLY C 157 -56.43 17.33 29.59
C GLY C 157 -55.17 16.49 29.56
N VAL C 158 -54.02 17.15 29.67
CA VAL C 158 -52.75 16.44 29.67
C VAL C 158 -52.12 16.53 31.05
N THR C 159 -51.68 15.38 31.55
CA THR C 159 -50.96 15.32 32.82
C THR C 159 -49.60 16.00 32.60
N TRP C 160 -49.25 16.90 33.49
CA TRP C 160 -48.11 17.79 33.26
C TRP C 160 -47.10 17.76 34.40
N ASN C 161 -45.82 17.64 34.05
CA ASN C 161 -44.75 17.61 35.06
C ASN C 161 -43.69 18.67 34.80
N GLY C 162 -43.92 19.51 33.80
CA GLY C 162 -42.94 20.52 33.42
C GLY C 162 -42.29 20.14 32.10
N ARG C 163 -41.11 20.70 31.84
CA ARG C 163 -40.38 20.40 30.61
C ARG C 163 -39.07 19.69 30.91
N THR C 175 -44.57 11.87 27.10
CA THR C 175 -44.83 11.89 25.67
C THR C 175 -45.17 13.30 25.19
N ILE C 176 -45.89 14.06 26.00
CA ILE C 176 -46.20 15.44 25.68
C ILE C 176 -44.90 16.21 25.44
N ASN C 177 -43.95 16.06 26.36
CA ASN C 177 -42.65 16.70 26.26
C ASN C 177 -41.92 16.38 24.95
N GLN C 178 -42.08 15.14 24.48
CA GLN C 178 -41.51 14.73 23.19
C GLN C 178 -42.23 15.40 22.03
N CYS C 179 -43.56 15.53 22.16
CA CYS C 179 -44.39 16.19 21.17
C CYS C 179 -44.06 17.67 21.05
N ILE C 180 -43.71 18.27 22.18
CA ILE C 180 -43.32 19.67 22.21
C ILE C 180 -41.92 19.83 21.61
N SER C 181 -41.00 18.94 21.97
CA SER C 181 -39.67 18.93 21.38
C SER C 181 -39.77 18.75 19.87
N ALA C 182 -40.63 17.83 19.45
CA ALA C 182 -40.82 17.57 18.03
C ALA C 182 -41.43 18.78 17.34
N ALA C 183 -42.35 19.46 18.03
CA ALA C 183 -43.06 20.58 17.44
C ALA C 183 -42.14 21.78 17.26
N THR C 184 -41.43 22.15 18.31
CA THR C 184 -40.53 23.31 18.25
C THR C 184 -39.40 23.09 17.23
N SER C 185 -38.89 21.87 17.18
CA SER C 185 -37.78 21.54 16.28
C SER C 185 -38.14 21.90 14.85
N CYS C 186 -39.38 21.64 14.47
CA CYS C 186 -39.83 22.03 13.14
C CYS C 186 -39.91 23.54 13.00
N LEU C 187 -40.32 24.21 14.06
CA LEU C 187 -40.43 25.67 14.05
C LEU C 187 -39.03 26.27 13.99
N TYR C 188 -38.14 25.70 14.80
CA TYR C 188 -36.75 26.12 14.82
C TYR C 188 -36.11 26.09 13.44
N GLY C 189 -36.34 25.01 12.69
CA GLY C 189 -35.76 24.89 11.38
C GLY C 189 -36.16 26.00 10.42
N VAL C 190 -37.45 26.27 10.31
CA VAL C 190 -37.93 27.29 9.39
C VAL C 190 -37.52 28.68 9.84
N THR C 191 -37.42 28.88 11.15
CA THR C 191 -36.98 30.16 11.68
C THR C 191 -35.53 30.46 11.30
N GLU C 192 -34.69 29.44 11.35
CA GLU C 192 -33.29 29.58 10.92
C GLU C 192 -33.21 29.99 9.44
N ALA C 193 -34.00 29.33 8.61
CA ALA C 193 -34.04 29.63 7.18
C ALA C 193 -34.50 31.06 6.91
N ALA C 194 -35.44 31.56 7.70
CA ALA C 194 -35.93 32.92 7.53
C ALA C 194 -34.82 33.91 7.86
N ILE C 195 -34.15 33.65 8.98
CA ILE C 195 -33.02 34.46 9.44
C ILE C 195 -31.93 34.50 8.37
N LEU C 196 -31.60 33.35 7.80
CA LEU C 196 -30.62 33.29 6.71
C LEU C 196 -31.11 34.06 5.50
N ALA C 197 -32.37 33.85 5.12
CA ALA C 197 -32.96 34.50 3.97
C ALA C 197 -33.03 36.01 4.15
N ALA C 198 -33.18 36.44 5.39
CA ALA C 198 -33.21 37.87 5.70
C ALA C 198 -31.82 38.47 5.65
N GLY C 199 -30.79 37.62 5.74
CA GLY C 199 -29.41 38.07 5.65
C GLY C 199 -28.72 38.25 7.00
N TYR C 200 -29.26 37.63 8.04
CA TYR C 200 -28.75 37.79 9.39
C TYR C 200 -28.00 36.56 9.89
N ALA C 201 -27.42 36.68 11.07
CA ALA C 201 -26.65 35.60 11.66
C ALA C 201 -27.43 34.86 12.73
N PRO C 202 -27.67 33.56 12.51
CA PRO C 202 -28.42 32.71 13.44
C PRO C 202 -27.79 32.63 14.82
N ALA C 203 -26.48 32.89 14.90
CA ALA C 203 -25.73 32.69 16.13
C ALA C 203 -25.76 33.91 17.04
N ILE C 204 -26.13 35.06 16.50
CA ILE C 204 -26.15 36.29 17.29
C ILE C 204 -27.53 36.57 17.89
N GLY C 205 -27.71 36.21 19.14
CA GLY C 205 -28.99 36.35 19.79
C GLY C 205 -28.89 37.48 20.77
N PHE C 206 -30.03 37.84 21.35
CA PHE C 206 -30.08 38.95 22.30
C PHE C 206 -30.53 38.47 23.67
N VAL C 207 -31.70 37.83 23.73
CA VAL C 207 -32.17 37.23 24.98
C VAL C 207 -31.41 35.94 25.23
N HIS C 208 -31.37 35.08 24.21
CA HIS C 208 -30.58 33.86 24.26
C HIS C 208 -29.23 34.14 23.59
N THR C 209 -28.13 33.72 24.22
CA THR C 209 -26.80 33.99 23.65
C THR C 209 -25.81 32.85 23.83
N GLY C 210 -24.85 32.78 22.92
CA GLY C 210 -23.69 31.91 23.07
C GLY C 210 -23.91 30.49 22.59
N LYS C 211 -24.97 30.27 21.82
CA LYS C 211 -25.23 28.96 21.25
C LYS C 211 -25.29 29.22 19.75
N PRO C 212 -25.04 28.19 18.92
CA PRO C 212 -25.05 28.41 17.47
C PRO C 212 -26.39 28.91 16.92
N LEU C 213 -27.48 28.67 17.65
CA LEU C 213 -28.82 29.03 17.17
C LEU C 213 -29.55 30.02 18.08
N SER C 214 -28.78 30.82 18.82
CA SER C 214 -29.34 31.69 19.85
C SER C 214 -30.40 32.64 19.31
N PHE C 215 -30.15 33.23 18.15
CA PHE C 215 -31.11 34.14 17.54
C PHE C 215 -32.35 33.40 17.02
N VAL C 216 -32.18 32.14 16.65
CA VAL C 216 -33.32 31.35 16.21
C VAL C 216 -34.27 31.14 17.38
N TYR C 217 -33.69 30.79 18.52
CA TYR C 217 -34.44 30.62 19.75
C TYR C 217 -35.16 31.93 20.09
N ASP C 218 -34.44 33.04 20.00
CA ASP C 218 -35.01 34.35 20.30
C ASP C 218 -36.29 34.62 19.50
N ILE C 219 -36.26 34.30 18.21
CA ILE C 219 -37.41 34.58 17.34
C ILE C 219 -38.52 33.54 17.46
N ALA C 220 -38.14 32.27 17.44
CA ALA C 220 -39.12 31.19 17.47
C ALA C 220 -39.89 31.20 18.79
N ASP C 221 -39.19 31.46 19.89
CA ASP C 221 -39.82 31.57 21.20
C ASP C 221 -40.97 32.56 21.24
N ILE C 222 -40.88 33.59 20.40
CA ILE C 222 -41.91 34.62 20.36
C ILE C 222 -43.22 34.04 19.86
N ILE C 223 -43.14 33.23 18.80
CA ILE C 223 -44.34 32.71 18.18
C ILE C 223 -44.60 31.23 18.43
N LYS C 224 -43.78 30.60 19.25
CA LYS C 224 -43.93 29.16 19.49
C LYS C 224 -45.31 28.86 20.09
N PHE C 225 -45.75 29.69 21.04
CA PHE C 225 -46.98 29.44 21.77
C PHE C 225 -48.23 29.89 21.04
N ASP C 226 -48.08 30.70 20.00
CA ASP C 226 -49.22 31.13 19.22
C ASP C 226 -49.92 29.95 18.53
N THR C 227 -49.14 29.11 17.85
CA THR C 227 -49.75 28.01 17.12
C THR C 227 -49.08 26.64 17.33
N VAL C 228 -47.75 26.61 17.30
CA VAL C 228 -47.00 25.35 17.33
C VAL C 228 -47.14 24.58 18.65
N VAL C 229 -46.99 25.26 19.79
CA VAL C 229 -47.04 24.56 21.07
C VAL C 229 -48.46 24.10 21.43
N PRO C 230 -49.49 24.91 21.13
CA PRO C 230 -50.84 24.36 21.30
C PRO C 230 -51.11 23.11 20.47
N LYS C 231 -50.61 23.10 19.24
CA LYS C 231 -50.84 21.97 18.36
C LYS C 231 -50.19 20.70 18.91
N ALA C 232 -49.07 20.89 19.60
CA ALA C 232 -48.35 19.79 20.25
C ALA C 232 -49.23 19.03 21.25
N PHE C 233 -49.92 19.78 22.11
CA PHE C 233 -50.80 19.19 23.11
C PHE C 233 -51.95 18.41 22.47
N GLU C 234 -52.50 18.96 21.38
CA GLU C 234 -53.58 18.28 20.66
C GLU C 234 -53.18 16.89 20.19
N ILE C 235 -51.95 16.77 19.71
CA ILE C 235 -51.46 15.47 19.24
C ILE C 235 -51.22 14.52 20.41
N ALA C 236 -50.54 15.01 21.45
CA ALA C 236 -50.20 14.18 22.60
C ALA C 236 -51.45 13.72 23.34
N ARG C 245 -43.50 12.24 14.48
CA ARG C 245 -43.76 12.22 13.04
C ARG C 245 -45.15 12.77 12.73
N GLU C 246 -46.11 12.45 13.60
CA GLU C 246 -47.47 12.95 13.47
C GLU C 246 -47.42 14.46 13.69
N VAL C 247 -46.60 14.86 14.65
CA VAL C 247 -46.40 16.27 14.99
C VAL C 247 -45.75 17.02 13.83
N ARG C 248 -44.75 16.41 13.20
CA ARG C 248 -44.04 17.05 12.09
C ARG C 248 -44.97 17.33 10.91
N LEU C 249 -45.73 16.32 10.52
CA LEU C 249 -46.69 16.43 9.44
C LEU C 249 -47.74 17.49 9.80
N ALA C 250 -48.09 17.55 11.09
CA ALA C 250 -49.01 18.54 11.61
C ALA C 250 -48.42 19.95 11.56
N CYS C 251 -47.15 20.08 11.94
CA CYS C 251 -46.45 21.36 11.83
C CYS C 251 -46.38 21.83 10.37
N ARG C 252 -46.18 20.87 9.46
CA ARG C 252 -46.20 21.17 8.03
C ARG C 252 -47.51 21.84 7.62
N ASP C 253 -48.62 21.27 8.10
CA ASP C 253 -49.96 21.83 7.87
C ASP C 253 -50.10 23.24 8.44
N ILE C 254 -49.46 23.48 9.58
CA ILE C 254 -49.48 24.80 10.23
C ILE C 254 -48.82 25.86 9.35
N PHE C 255 -47.65 25.53 8.83
CA PHE C 255 -46.87 26.44 7.98
C PHE C 255 -47.59 26.73 6.66
N ARG C 256 -48.17 25.69 6.08
CA ARG C 256 -48.92 25.81 4.83
C ARG C 256 -50.19 26.64 4.95
N SER C 257 -51.00 26.33 5.97
CA SER C 257 -52.30 26.98 6.17
C SER C 257 -52.26 28.41 6.71
N SER C 258 -51.45 28.64 7.74
CA SER C 258 -51.44 29.94 8.42
C SER C 258 -50.51 30.96 7.78
N LYS C 259 -49.82 30.56 6.72
CA LYS C 259 -48.85 31.42 6.02
C LYS C 259 -47.90 32.09 7.03
N THR C 260 -47.60 31.38 8.10
CA THR C 260 -46.73 31.85 9.18
C THR C 260 -45.36 32.20 8.61
N LEU C 261 -44.96 31.43 7.60
CA LEU C 261 -43.68 31.61 6.94
C LEU C 261 -43.54 33.03 6.41
N ALA C 262 -44.62 33.57 5.84
CA ALA C 262 -44.59 34.93 5.31
C ALA C 262 -44.57 35.97 6.43
N LYS C 263 -44.94 35.55 7.65
CA LYS C 263 -44.95 36.46 8.79
C LYS C 263 -43.60 36.52 9.52
N LEU C 264 -42.74 35.55 9.24
CA LEU C 264 -41.45 35.40 9.94
C LEU C 264 -40.43 36.51 9.70
N ILE C 265 -40.10 36.76 8.43
CA ILE C 265 -39.08 37.77 8.14
C ILE C 265 -39.48 39.16 8.67
N PRO C 266 -40.72 39.62 8.42
CA PRO C 266 -41.06 40.94 8.98
C PRO C 266 -40.99 41.00 10.50
N LEU C 267 -41.27 39.88 11.16
CA LEU C 267 -41.11 39.82 12.61
C LEU C 267 -39.66 40.02 12.99
N ILE C 268 -38.76 39.34 12.29
CA ILE C 268 -37.33 39.46 12.52
C ILE C 268 -36.93 40.91 12.33
N GLU C 269 -37.42 41.51 11.26
CA GLU C 269 -37.09 42.90 10.96
C GLU C 269 -37.65 43.87 12.00
N ASP C 270 -38.88 43.61 12.45
CA ASP C 270 -39.51 44.44 13.47
C ASP C 270 -38.74 44.37 14.78
N VAL C 271 -38.26 43.17 15.12
CA VAL C 271 -37.48 42.98 16.34
C VAL C 271 -36.16 43.73 16.25
N LEU C 272 -35.54 43.73 15.07
CA LEU C 272 -34.24 44.38 14.93
C LEU C 272 -34.38 45.87 14.66
N ALA C 273 -35.59 46.31 14.29
CA ALA C 273 -35.84 47.73 14.04
C ALA C 273 -35.91 48.51 15.35
N ALA C 274 -36.10 47.80 16.45
CA ALA C 274 -36.23 48.40 17.78
C ALA C 274 -34.94 49.07 18.23
N GLY C 275 -33.84 48.74 17.57
CA GLY C 275 -32.58 49.40 17.82
C GLY C 275 -32.67 50.85 17.47
N GLU C 276 -33.60 51.16 16.55
CA GLU C 276 -33.91 52.53 16.14
C GLU C 276 -32.77 53.03 15.27
N ILE C 277 -31.87 52.13 14.93
CA ILE C 277 -30.82 52.39 13.96
C ILE C 277 -31.42 52.25 12.55
N GLN C 278 -31.03 53.13 11.64
CA GLN C 278 -31.55 53.13 10.28
C GLN C 278 -31.22 51.80 9.61
N PRO C 279 -32.26 51.09 9.10
CA PRO C 279 -32.03 49.81 8.44
C PRO C 279 -31.50 50.01 7.03
N PRO C 280 -30.66 49.08 6.55
CA PRO C 280 -29.99 49.05 5.24
C PRO C 280 -30.73 49.82 4.12
N LEU D 4 -20.43 8.09 17.65
CA LEU D 4 -19.17 8.71 17.27
C LEU D 4 -19.40 9.84 16.27
N PRO D 5 -18.94 11.05 16.60
CA PRO D 5 -19.16 12.23 15.76
C PRO D 5 -18.31 12.31 14.49
N LEU D 6 -18.87 12.94 13.46
CA LEU D 6 -18.18 13.15 12.18
C LEU D 6 -17.56 14.54 12.11
N ASN D 7 -16.24 14.61 12.19
CA ASN D 7 -15.54 15.88 12.17
C ASN D 7 -14.74 16.12 10.89
N PRO D 8 -15.03 17.23 10.21
CA PRO D 8 -14.29 17.67 9.02
C PRO D 8 -12.79 17.62 9.22
N ILE D 9 -12.03 17.11 8.27
CA ILE D 9 -10.58 17.14 8.39
C ILE D 9 -10.12 18.51 7.93
N PRO D 10 -8.97 18.97 8.43
CA PRO D 10 -8.40 20.26 8.05
C PRO D 10 -8.28 20.42 6.53
N LEU D 11 -8.55 21.61 6.02
CA LEU D 11 -8.43 21.86 4.58
C LEU D 11 -7.03 21.55 4.00
N LYS D 12 -5.99 21.74 4.80
CA LYS D 12 -4.62 21.47 4.34
C LYS D 12 -4.41 19.99 4.04
N ASP D 13 -5.18 19.13 4.70
CA ASP D 13 -5.03 17.70 4.50
C ASP D 13 -5.93 17.19 3.38
N ARG D 14 -6.27 18.07 2.45
CA ARG D 14 -7.15 17.71 1.34
C ARG D 14 -6.58 18.15 0.00
N VAL D 15 -7.08 17.55 -1.06
CA VAL D 15 -6.89 18.06 -2.41
C VAL D 15 -7.57 19.43 -2.46
N SER D 16 -6.89 20.44 -2.99
CA SER D 16 -7.48 21.79 -2.96
C SER D 16 -8.82 21.83 -3.67
N MET D 17 -8.84 21.42 -4.93
CA MET D 17 -10.06 21.58 -5.70
C MET D 17 -10.23 20.55 -6.82
N ILE D 18 -11.50 20.30 -7.13
CA ILE D 18 -11.93 19.40 -8.20
C ILE D 18 -13.03 20.07 -9.01
N PHE D 19 -12.85 20.11 -10.32
CA PHE D 19 -13.86 20.66 -11.21
C PHE D 19 -14.68 19.55 -11.85
N LEU D 20 -16.00 19.64 -11.74
CA LEU D 20 -16.86 18.64 -12.37
C LEU D 20 -17.59 19.27 -13.56
N GLN D 21 -17.35 18.68 -14.73
CA GLN D 21 -17.80 19.25 -15.99
C GLN D 21 -19.20 18.80 -16.42
N TYR D 22 -19.48 17.51 -16.26
CA TYR D 22 -20.77 16.95 -16.66
C TYR D 22 -21.29 16.01 -15.59
N GLY D 23 -22.58 15.69 -15.67
CA GLY D 23 -23.13 14.63 -14.85
C GLY D 23 -23.93 15.10 -13.65
N GLN D 24 -24.26 14.14 -12.79
CA GLN D 24 -25.05 14.44 -11.60
C GLN D 24 -24.30 14.02 -10.33
N ILE D 25 -24.34 14.89 -9.33
CA ILE D 25 -23.68 14.62 -8.06
C ILE D 25 -24.69 14.09 -7.07
N ASP D 26 -24.36 12.98 -6.42
CA ASP D 26 -25.33 12.27 -5.57
C ASP D 26 -24.61 11.37 -4.57
N VAL D 27 -25.39 10.78 -3.65
CA VAL D 27 -24.87 9.83 -2.69
C VAL D 27 -25.63 8.50 -2.81
N ILE D 28 -24.92 7.43 -3.16
CA ILE D 28 -25.55 6.13 -3.35
C ILE D 28 -24.82 5.07 -2.53
N ASP D 29 -25.58 4.32 -1.74
CA ASP D 29 -25.02 3.37 -0.78
C ASP D 29 -23.97 4.01 0.11
N GLY D 30 -24.25 5.24 0.53
CA GLY D 30 -23.40 5.94 1.49
C GLY D 30 -22.07 6.40 0.94
N ALA D 31 -22.01 6.63 -0.37
CA ALA D 31 -20.79 7.11 -1.01
C ALA D 31 -21.08 8.29 -1.92
N PHE D 32 -20.36 9.38 -1.69
CA PHE D 32 -20.44 10.57 -2.54
C PHE D 32 -20.02 10.16 -3.94
N VAL D 33 -20.84 10.49 -4.94
CA VAL D 33 -20.68 9.88 -6.26
C VAL D 33 -21.05 10.81 -7.42
N LEU D 34 -20.25 10.78 -8.48
CA LEU D 34 -20.58 11.44 -9.73
C LEU D 34 -21.18 10.41 -10.69
N ILE D 35 -22.35 10.72 -11.24
CA ILE D 35 -23.05 9.79 -12.11
C ILE D 35 -23.03 10.28 -13.55
N ASP D 36 -22.46 9.47 -14.43
CA ASP D 36 -22.40 9.75 -15.86
C ASP D 36 -23.81 9.66 -16.47
N LYS D 37 -24.00 10.30 -17.62
CA LYS D 37 -25.28 10.21 -18.34
C LYS D 37 -25.58 8.76 -18.72
N THR D 38 -24.53 7.97 -18.94
CA THR D 38 -24.67 6.55 -19.22
C THR D 38 -25.10 5.80 -17.97
N GLY D 39 -24.77 6.34 -16.79
CA GLY D 39 -25.17 5.74 -15.53
C GLY D 39 -24.02 5.23 -14.69
N ILE D 40 -22.81 5.34 -15.23
CA ILE D 40 -21.58 4.97 -14.54
C ILE D 40 -21.36 5.77 -13.26
N ARG D 41 -20.91 5.11 -12.20
CA ARG D 41 -20.67 5.84 -10.94
C ARG D 41 -19.19 6.01 -10.69
N THR D 42 -18.79 7.26 -10.45
CA THR D 42 -17.43 7.55 -10.06
C THR D 42 -17.41 8.05 -8.63
N HIS D 43 -16.67 7.36 -7.77
CA HIS D 43 -16.56 7.70 -6.35
C HIS D 43 -15.60 8.86 -6.10
N ILE D 44 -16.10 9.92 -5.47
CA ILE D 44 -15.25 11.03 -5.06
C ILE D 44 -15.20 11.10 -3.54
N PRO D 45 -14.00 10.94 -2.95
CA PRO D 45 -13.98 11.00 -1.49
C PRO D 45 -14.14 12.44 -1.03
N VAL D 46 -15.40 12.83 -0.81
CA VAL D 46 -15.80 14.21 -0.65
C VAL D 46 -15.11 14.91 0.53
N GLY D 47 -14.86 14.17 1.60
CA GLY D 47 -14.29 14.74 2.79
C GLY D 47 -12.83 15.10 2.60
N SER D 48 -12.23 14.59 1.54
CA SER D 48 -10.82 14.79 1.30
C SER D 48 -10.56 15.81 0.21
N VAL D 49 -11.54 16.63 -0.11
CA VAL D 49 -11.32 17.74 -1.03
C VAL D 49 -11.85 19.02 -0.39
N ALA D 50 -11.18 20.14 -0.62
CA ALA D 50 -11.57 21.41 -0.01
C ALA D 50 -12.65 22.13 -0.82
N CYS D 51 -12.53 22.04 -2.14
CA CYS D 51 -13.48 22.69 -3.04
C CYS D 51 -13.92 21.80 -4.20
N ILE D 52 -15.24 21.64 -4.34
CA ILE D 52 -15.76 20.95 -5.49
C ILE D 52 -16.51 21.95 -6.35
N MET D 53 -15.99 22.18 -7.56
CA MET D 53 -16.62 23.10 -8.50
C MET D 53 -17.59 22.41 -9.45
N LEU D 54 -18.69 23.10 -9.71
CA LEU D 54 -19.75 22.58 -10.56
C LEU D 54 -19.93 23.49 -11.78
N GLU D 55 -19.51 23.00 -12.94
CA GLU D 55 -19.70 23.72 -14.20
C GLU D 55 -21.12 23.52 -14.73
N PRO D 56 -21.57 24.40 -15.65
CA PRO D 56 -22.93 24.25 -16.17
C PRO D 56 -23.15 22.86 -16.76
N GLY D 57 -24.33 22.30 -16.55
CA GLY D 57 -24.60 20.93 -16.96
C GLY D 57 -24.31 19.92 -15.86
N THR D 58 -24.37 20.38 -14.62
CA THR D 58 -24.25 19.47 -13.49
C THR D 58 -25.47 19.56 -12.61
N ARG D 59 -25.94 18.40 -12.16
CA ARG D 59 -27.09 18.35 -11.26
C ARG D 59 -26.61 17.88 -9.90
N VAL D 60 -27.15 18.46 -8.85
CA VAL D 60 -26.74 18.05 -7.52
C VAL D 60 -27.95 17.65 -6.67
N SER D 61 -27.83 16.52 -5.99
CA SER D 61 -28.91 16.01 -5.18
C SER D 61 -28.89 16.56 -3.75
N HIS D 62 -30.02 16.43 -3.07
CA HIS D 62 -30.15 16.88 -1.69
C HIS D 62 -29.14 16.16 -0.79
N ALA D 63 -29.05 14.85 -0.94
CA ALA D 63 -28.17 14.04 -0.11
C ALA D 63 -26.71 14.45 -0.29
N ALA D 64 -26.38 14.97 -1.48
CA ALA D 64 -25.03 15.38 -1.78
C ALA D 64 -24.67 16.70 -1.12
N VAL D 65 -25.52 17.71 -1.29
CA VAL D 65 -25.32 19.01 -0.65
C VAL D 65 -25.25 18.80 0.85
N ARG D 66 -26.11 17.91 1.36
CA ARG D 66 -26.17 17.62 2.78
C ARG D 66 -24.84 17.07 3.25
N LEU D 67 -24.34 16.05 2.55
CA LEU D 67 -23.12 15.38 2.96
C LEU D 67 -21.91 16.31 2.83
N ALA D 68 -21.86 17.09 1.74
CA ALA D 68 -20.77 18.03 1.49
C ALA D 68 -20.68 19.04 2.62
N ALA D 69 -21.84 19.53 3.04
CA ALA D 69 -21.91 20.50 4.13
C ALA D 69 -21.41 19.89 5.43
N GLN D 70 -21.76 18.63 5.66
CA GLN D 70 -21.42 17.97 6.91
C GLN D 70 -19.93 17.64 7.01
N VAL D 71 -19.29 17.44 5.87
CA VAL D 71 -17.86 17.13 5.88
C VAL D 71 -17.05 18.39 5.64
N GLY D 72 -17.73 19.52 5.51
CA GLY D 72 -17.05 20.79 5.40
C GLY D 72 -16.37 20.99 4.05
N THR D 73 -16.99 20.45 3.01
CA THR D 73 -16.49 20.62 1.65
C THR D 73 -17.33 21.61 0.89
N LEU D 74 -16.77 22.77 0.57
CA LEU D 74 -17.52 23.80 -0.14
C LEU D 74 -17.91 23.36 -1.55
N LEU D 75 -19.16 23.61 -1.93
CA LEU D 75 -19.62 23.40 -3.29
C LEU D 75 -19.70 24.73 -4.05
N VAL D 76 -19.02 24.83 -5.17
CA VAL D 76 -19.04 26.08 -5.93
C VAL D 76 -19.58 25.90 -7.35
N TRP D 77 -20.72 26.52 -7.62
CA TRP D 77 -21.24 26.57 -8.98
C TRP D 77 -20.45 27.62 -9.75
N VAL D 78 -19.83 27.22 -10.85
CA VAL D 78 -19.04 28.17 -11.66
C VAL D 78 -19.57 28.33 -13.08
N GLY D 79 -19.21 29.45 -13.70
CA GLY D 79 -19.63 29.75 -15.05
C GLY D 79 -18.44 30.02 -15.94
N GLU D 80 -18.55 31.02 -16.81
CA GLU D 80 -17.49 31.36 -17.75
C GLU D 80 -16.25 31.83 -16.99
N ALA D 81 -15.09 31.33 -17.43
CA ALA D 81 -13.81 31.61 -16.78
C ALA D 81 -13.79 31.16 -15.32
N GLY D 82 -14.69 30.25 -14.98
CA GLY D 82 -14.77 29.75 -13.61
C GLY D 82 -15.25 30.77 -12.61
N VAL D 83 -15.99 31.78 -13.08
CA VAL D 83 -16.50 32.81 -12.17
C VAL D 83 -17.51 32.18 -11.22
N ARG D 84 -17.48 32.62 -9.96
CA ARG D 84 -18.40 32.10 -8.96
C ARG D 84 -19.85 32.47 -9.27
N VAL D 85 -20.69 31.45 -9.37
CA VAL D 85 -22.10 31.66 -9.61
C VAL D 85 -22.85 31.50 -8.28
N TYR D 86 -22.43 30.49 -7.52
CA TYR D 86 -23.09 30.18 -6.26
C TYR D 86 -22.20 29.30 -5.40
N ALA D 87 -22.53 29.20 -4.12
CA ALA D 87 -21.89 28.23 -3.25
C ALA D 87 -22.84 27.78 -2.16
N SER D 88 -22.63 26.58 -1.63
CA SER D 88 -23.43 26.08 -0.52
C SER D 88 -22.54 25.41 0.51
N GLY D 89 -22.92 25.55 1.78
CA GLY D 89 -22.21 24.89 2.86
C GLY D 89 -23.02 25.07 4.14
N GLN D 90 -22.39 24.82 5.28
CA GLN D 90 -23.02 25.04 6.57
C GLN D 90 -23.46 26.49 6.72
N PRO D 91 -24.70 26.72 7.15
CA PRO D 91 -25.20 28.08 7.22
C PRO D 91 -24.59 28.82 8.37
N GLY D 92 -23.72 29.79 8.07
CA GLY D 92 -23.13 30.65 9.08
C GLY D 92 -22.19 29.96 10.05
N GLY D 93 -21.37 30.78 10.72
CA GLY D 93 -20.43 30.34 11.72
C GLY D 93 -21.09 30.01 13.04
N ALA D 94 -20.81 28.82 13.57
CA ALA D 94 -21.45 28.35 14.79
C ALA D 94 -21.12 29.20 16.03
N ARG D 95 -20.02 29.95 15.96
CA ARG D 95 -19.60 30.70 17.14
C ARG D 95 -19.87 32.18 16.97
N SER D 96 -20.70 32.73 17.86
CA SER D 96 -21.04 34.14 17.81
C SER D 96 -19.86 35.02 18.15
N ASP D 97 -18.97 34.51 19.01
CA ASP D 97 -17.84 35.32 19.46
C ASP D 97 -16.94 35.64 18.29
N LYS D 98 -16.82 34.69 17.36
CA LYS D 98 -15.99 34.87 16.18
C LYS D 98 -16.56 35.91 15.23
N LEU D 99 -17.87 35.88 14.99
CA LEU D 99 -18.52 36.84 14.12
C LEU D 99 -18.48 38.24 14.69
N LEU D 100 -18.84 38.37 15.96
CA LEU D 100 -18.91 39.69 16.59
C LEU D 100 -17.49 40.28 16.72
N TYR D 101 -16.52 39.40 16.93
CA TYR D 101 -15.10 39.78 16.91
C TYR D 101 -14.72 40.36 15.55
N GLN D 102 -14.97 39.60 14.48
CA GLN D 102 -14.74 40.11 13.14
C GLN D 102 -15.59 41.35 12.88
N ALA D 103 -16.84 41.34 13.35
CA ALA D 103 -17.75 42.46 13.10
C ALA D 103 -17.32 43.75 13.81
N LYS D 104 -16.82 43.66 15.04
CA LYS D 104 -16.36 44.87 15.71
C LYS D 104 -15.13 45.44 15.00
N LEU D 105 -14.21 44.57 14.59
CA LEU D 105 -13.02 45.00 13.87
C LEU D 105 -13.35 45.78 12.62
N ALA D 106 -14.40 45.38 11.94
CA ALA D 106 -14.73 45.97 10.64
C ALA D 106 -15.59 47.21 10.76
N LEU D 107 -16.31 47.35 11.88
CA LEU D 107 -17.22 48.48 12.04
C LEU D 107 -16.50 49.70 12.59
N ASP D 108 -15.68 49.50 13.62
CA ASP D 108 -14.88 50.57 14.23
C ASP D 108 -13.74 51.00 13.32
N GLU D 109 -13.77 52.27 12.88
CA GLU D 109 -12.84 52.75 11.86
C GLU D 109 -11.37 52.73 12.28
N ASP D 110 -11.10 52.93 13.57
CA ASP D 110 -9.74 52.84 14.06
C ASP D 110 -9.24 51.40 13.96
N LEU D 111 -10.05 50.47 14.44
CA LEU D 111 -9.75 49.05 14.34
C LEU D 111 -9.64 48.65 12.87
N ARG D 112 -10.52 49.19 12.05
CA ARG D 112 -10.52 48.88 10.63
C ARG D 112 -9.16 49.24 10.03
N LEU D 113 -8.65 50.42 10.36
CA LEU D 113 -7.35 50.86 9.84
C LEU D 113 -6.21 49.95 10.29
N LYS D 114 -6.23 49.55 11.57
CA LYS D 114 -5.18 48.68 12.09
C LYS D 114 -5.12 47.39 11.29
N VAL D 115 -6.29 46.86 10.97
CA VAL D 115 -6.38 45.67 10.15
C VAL D 115 -5.83 45.94 8.75
N VAL D 116 -6.31 47.01 8.13
CA VAL D 116 -5.91 47.33 6.75
C VAL D 116 -4.41 47.56 6.65
N ARG D 117 -3.81 48.16 7.68
CA ARG D 117 -2.36 48.36 7.65
C ARG D 117 -1.61 47.04 7.63
N LYS D 118 -2.07 46.08 8.42
CA LYS D 118 -1.43 44.76 8.45
C LYS D 118 -1.54 44.08 7.11
N MET D 119 -2.69 44.23 6.46
CA MET D 119 -2.91 43.66 5.14
C MET D 119 -1.91 44.25 4.17
N PHE D 120 -1.69 45.56 4.30
CA PHE D 120 -0.72 46.25 3.47
C PHE D 120 0.68 45.69 3.71
N GLU D 121 1.06 45.57 4.98
CA GLU D 121 2.38 45.10 5.36
C GLU D 121 2.63 43.68 4.85
N LEU D 122 1.63 42.82 4.99
CA LEU D 122 1.76 41.45 4.55
C LEU D 122 1.88 41.38 3.03
N ARG D 123 1.06 42.16 2.33
CA ARG D 123 1.07 42.15 0.87
C ARG D 123 2.36 42.70 0.27
N PHE D 124 2.94 43.72 0.90
CA PHE D 124 4.04 44.44 0.26
C PHE D 124 5.39 44.32 0.97
N GLY D 125 5.46 43.52 2.03
CA GLY D 125 6.73 43.25 2.70
C GLY D 125 7.35 44.44 3.42
N GLU D 126 6.58 45.50 3.57
CA GLU D 126 7.06 46.70 4.25
C GLU D 126 5.87 47.47 4.80
N PRO D 127 6.09 48.25 5.86
CA PRO D 127 5.00 49.04 6.42
C PRO D 127 4.42 50.03 5.43
N ALA D 128 3.13 50.30 5.58
CA ALA D 128 2.46 51.34 4.79
C ALA D 128 3.00 52.69 5.20
N PRO D 129 2.83 53.71 4.33
CA PRO D 129 3.17 55.06 4.78
C PRO D 129 2.36 55.43 6.01
N ALA D 130 2.99 56.06 6.99
CA ALA D 130 2.29 56.42 8.21
C ALA D 130 1.20 57.45 7.95
N ARG D 131 0.26 57.54 8.88
CA ARG D 131 -0.82 58.54 8.84
C ARG D 131 -1.64 58.55 7.54
N ARG D 132 -1.95 57.37 7.01
CA ARG D 132 -2.85 57.26 5.87
C ARG D 132 -4.21 56.67 6.25
N SER D 133 -5.26 57.17 5.61
CA SER D 133 -6.60 56.61 5.82
C SER D 133 -6.68 55.30 5.07
N VAL D 134 -7.77 54.56 5.27
CA VAL D 134 -7.97 53.31 4.55
C VAL D 134 -8.12 53.57 3.06
N GLU D 135 -8.85 54.64 2.73
CA GLU D 135 -9.07 55.03 1.34
C GLU D 135 -7.75 55.40 0.68
N GLN D 136 -6.92 56.14 1.41
CA GLN D 136 -5.61 56.57 0.93
C GLN D 136 -4.71 55.38 0.63
N LEU D 137 -4.75 54.40 1.52
CA LEU D 137 -3.92 53.21 1.38
C LEU D 137 -4.32 52.40 0.17
N ARG D 138 -5.60 52.44 -0.16
CA ARG D 138 -6.14 51.68 -1.28
C ARG D 138 -5.63 52.26 -2.60
N GLY D 139 -5.46 53.58 -2.62
CA GLY D 139 -4.84 54.25 -3.75
C GLY D 139 -3.40 53.81 -3.95
N ILE D 140 -2.64 53.80 -2.87
CA ILE D 140 -1.26 53.32 -2.88
C ILE D 140 -1.20 51.88 -3.37
N GLU D 141 -2.09 51.07 -2.81
CA GLU D 141 -2.21 49.65 -3.17
C GLU D 141 -2.53 49.50 -4.65
N GLY D 142 -3.50 50.29 -5.11
CA GLY D 142 -3.87 50.29 -6.51
C GLY D 142 -2.72 50.54 -7.47
N SER D 143 -1.96 51.60 -7.21
CA SER D 143 -0.81 51.95 -8.03
C SER D 143 0.22 50.83 -8.09
N ARG D 144 0.54 50.27 -6.92
CA ARG D 144 1.49 49.17 -6.84
C ARG D 144 1.07 47.98 -7.68
N VAL D 145 -0.23 47.67 -7.64
CA VAL D 145 -0.76 46.51 -8.34
C VAL D 145 -0.63 46.66 -9.86
N ARG D 146 -1.12 47.78 -10.38
CA ARG D 146 -1.00 48.09 -11.81
C ARG D 146 0.45 48.00 -12.25
N ALA D 147 1.34 48.47 -11.38
CA ALA D 147 2.78 48.40 -11.60
C ALA D 147 3.23 46.95 -11.74
N THR D 148 2.78 46.12 -10.80
CA THR D 148 3.16 44.70 -10.78
C THR D 148 2.53 43.94 -11.95
N TYR D 149 1.34 44.37 -12.35
CA TYR D 149 0.71 43.81 -13.54
C TYR D 149 1.57 44.09 -14.76
N ALA D 150 2.02 45.33 -14.86
CA ALA D 150 2.85 45.76 -15.98
C ALA D 150 4.19 45.04 -15.98
N LEU D 151 4.85 45.00 -14.83
CA LEU D 151 6.16 44.34 -14.73
C LEU D 151 6.12 42.88 -15.14
N LEU D 152 5.03 42.18 -14.80
CA LEU D 152 4.88 40.78 -15.17
C LEU D 152 4.71 40.63 -16.69
N ALA D 153 4.03 41.59 -17.30
CA ALA D 153 3.81 41.57 -18.75
C ALA D 153 5.14 41.67 -19.50
N LYS D 154 6.06 42.47 -18.96
CA LYS D 154 7.37 42.64 -19.57
C LYS D 154 8.21 41.39 -19.44
N GLN D 155 7.95 40.59 -18.40
CA GLN D 155 8.80 39.45 -18.10
C GLN D 155 8.35 38.18 -18.78
N TYR D 156 7.18 38.22 -19.41
CA TYR D 156 6.62 37.03 -20.03
C TYR D 156 6.30 37.27 -21.51
N GLY D 157 6.50 38.51 -21.94
CA GLY D 157 6.28 38.87 -23.33
C GLY D 157 4.80 38.85 -23.65
N VAL D 158 3.99 39.33 -22.71
CA VAL D 158 2.56 39.45 -22.94
C VAL D 158 2.15 40.91 -23.14
N THR D 159 1.33 41.16 -24.15
CA THR D 159 0.84 42.50 -24.41
C THR D 159 -0.13 42.92 -23.30
N TRP D 160 0.07 44.11 -22.76
CA TRP D 160 -0.74 44.56 -21.63
C TRP D 160 -1.49 45.88 -21.94
N ASN D 161 -2.82 45.82 -22.02
CA ASN D 161 -3.65 46.99 -22.24
C ASN D 161 -4.39 47.40 -20.97
N GLY D 162 -4.00 46.77 -19.88
CA GLY D 162 -4.62 47.03 -18.59
C GLY D 162 -5.38 45.80 -18.14
N ARG D 163 -6.06 45.91 -17.01
CA ARG D 163 -6.80 44.80 -16.43
C ARG D 163 -8.29 45.07 -16.56
N ARG D 164 -9.04 44.05 -17.00
CA ARG D 164 -10.46 44.25 -17.31
C ARG D 164 -11.45 44.03 -16.16
N TYR D 165 -11.27 43.00 -15.34
CA TYR D 165 -12.18 42.73 -14.22
C TYR D 165 -13.65 42.61 -14.64
N ASP D 174 -8.23 38.87 -25.43
CA ASP D 174 -7.44 39.05 -24.22
C ASP D 174 -7.17 37.71 -23.55
N THR D 175 -6.21 36.97 -24.10
CA THR D 175 -5.85 35.67 -23.55
C THR D 175 -5.32 35.84 -22.12
N ILE D 176 -4.56 36.90 -21.89
CA ILE D 176 -4.00 37.15 -20.57
C ILE D 176 -5.08 37.49 -19.56
N ASN D 177 -6.05 38.30 -19.94
CA ASN D 177 -7.06 38.70 -18.98
C ASN D 177 -7.96 37.53 -18.58
N GLN D 178 -8.17 36.60 -19.50
CA GLN D 178 -8.98 35.42 -19.21
C GLN D 178 -8.23 34.51 -18.23
N CYS D 179 -6.92 34.44 -18.39
CA CYS D 179 -6.08 33.59 -17.54
C CYS D 179 -5.99 34.08 -16.10
N ILE D 180 -5.87 35.39 -15.93
CA ILE D 180 -5.78 35.97 -14.59
C ILE D 180 -7.04 35.71 -13.79
N SER D 181 -8.19 35.98 -14.39
CA SER D 181 -9.46 35.73 -13.75
C SER D 181 -9.63 34.26 -13.36
N ALA D 182 -9.25 33.38 -14.26
CA ALA D 182 -9.31 31.96 -13.96
C ALA D 182 -8.42 31.61 -12.79
N ALA D 183 -7.22 32.20 -12.76
CA ALA D 183 -6.23 31.91 -11.73
C ALA D 183 -6.68 32.41 -10.36
N THR D 184 -7.21 33.63 -10.32
CA THR D 184 -7.65 34.21 -9.05
C THR D 184 -8.99 33.63 -8.60
N SER D 185 -9.83 33.21 -9.55
CA SER D 185 -11.08 32.55 -9.20
C SER D 185 -10.80 31.26 -8.44
N CYS D 186 -9.70 30.60 -8.79
CA CYS D 186 -9.30 29.40 -8.07
C CYS D 186 -8.86 29.76 -6.67
N LEU D 187 -8.16 30.88 -6.54
CA LEU D 187 -7.67 31.34 -5.24
C LEU D 187 -8.81 31.85 -4.40
N TYR D 188 -9.73 32.57 -5.06
CA TYR D 188 -10.94 33.06 -4.42
C TYR D 188 -11.80 31.92 -3.88
N GLY D 189 -11.77 30.78 -4.55
CA GLY D 189 -12.56 29.64 -4.14
C GLY D 189 -12.08 29.03 -2.84
N VAL D 190 -10.79 28.73 -2.77
CA VAL D 190 -10.25 28.06 -1.60
C VAL D 190 -10.12 29.03 -0.43
N THR D 191 -10.23 30.32 -0.72
CA THR D 191 -10.13 31.35 0.31
C THR D 191 -11.49 31.49 1.00
N GLU D 192 -12.55 31.48 0.21
CA GLU D 192 -13.89 31.39 0.75
C GLU D 192 -14.01 30.13 1.58
N ALA D 193 -13.40 29.05 1.09
CA ALA D 193 -13.40 27.79 1.81
C ALA D 193 -12.69 27.94 3.16
N ALA D 194 -11.57 28.65 3.14
CA ALA D 194 -10.74 28.82 4.33
C ALA D 194 -11.41 29.75 5.33
N ILE D 195 -12.01 30.83 4.81
CA ILE D 195 -12.68 31.78 5.68
C ILE D 195 -13.85 31.11 6.43
N LEU D 196 -14.68 30.35 5.71
CA LEU D 196 -15.78 29.61 6.33
C LEU D 196 -15.29 28.56 7.33
N ALA D 197 -14.24 27.84 6.97
CA ALA D 197 -13.72 26.79 7.83
C ALA D 197 -13.20 27.36 9.13
N ALA D 198 -12.78 28.62 9.11
CA ALA D 198 -12.22 29.24 10.29
C ALA D 198 -13.33 29.85 11.15
N GLY D 199 -14.51 29.95 10.55
CA GLY D 199 -15.69 30.42 11.26
C GLY D 199 -16.02 31.88 11.07
N TYR D 200 -15.46 32.51 10.05
CA TYR D 200 -15.70 33.94 9.82
C TYR D 200 -16.62 34.18 8.64
N ALA D 201 -17.07 35.42 8.50
CA ALA D 201 -17.99 35.77 7.43
C ALA D 201 -17.25 36.26 6.21
N PRO D 202 -17.45 35.59 5.07
CA PRO D 202 -16.85 36.02 3.80
C PRO D 202 -17.30 37.40 3.36
N ALA D 203 -18.44 37.84 3.88
CA ALA D 203 -19.08 39.06 3.39
C ALA D 203 -18.55 40.31 4.10
N ILE D 204 -17.92 40.12 5.24
CA ILE D 204 -17.47 41.25 6.06
C ILE D 204 -15.97 41.53 5.88
N GLY D 205 -15.66 42.55 5.09
CA GLY D 205 -14.30 42.86 4.70
C GLY D 205 -13.80 44.18 5.24
N PHE D 206 -12.57 44.53 4.87
CA PHE D 206 -11.96 45.75 5.36
C PHE D 206 -11.57 46.74 4.26
N VAL D 207 -10.94 46.24 3.21
CA VAL D 207 -10.63 47.09 2.07
C VAL D 207 -11.76 47.09 1.06
N HIS D 208 -12.10 45.91 0.56
CA HIS D 208 -13.24 45.77 -0.34
C HIS D 208 -14.48 45.77 0.53
N THR D 209 -15.49 46.57 0.18
CA THR D 209 -16.67 46.67 1.04
C THR D 209 -17.96 46.79 0.26
N GLY D 210 -19.03 46.22 0.82
CA GLY D 210 -20.35 46.26 0.21
C GLY D 210 -20.49 45.24 -0.92
N LYS D 211 -19.38 44.58 -1.25
CA LYS D 211 -19.29 43.63 -2.34
C LYS D 211 -19.66 42.26 -1.77
N PRO D 212 -19.99 41.28 -2.63
CA PRO D 212 -20.58 40.05 -2.07
C PRO D 212 -19.66 39.28 -1.11
N LEU D 213 -18.38 39.18 -1.48
CA LEU D 213 -17.40 38.41 -0.72
C LEU D 213 -16.18 39.24 -0.39
N SER D 214 -16.42 40.40 0.21
CA SER D 214 -15.38 41.37 0.48
C SER D 214 -14.17 40.82 1.23
N PHE D 215 -14.41 40.00 2.24
CA PHE D 215 -13.31 39.47 3.03
C PHE D 215 -12.50 38.45 2.24
N VAL D 216 -13.11 37.83 1.25
CA VAL D 216 -12.40 36.88 0.38
C VAL D 216 -11.34 37.61 -0.43
N TYR D 217 -11.77 38.69 -1.07
CA TYR D 217 -10.90 39.53 -1.87
C TYR D 217 -9.79 40.12 -1.01
N ASP D 218 -10.14 40.49 0.20
CA ASP D 218 -9.19 41.06 1.14
C ASP D 218 -8.04 40.09 1.41
N ILE D 219 -8.38 38.86 1.74
CA ILE D 219 -7.37 37.87 2.11
C ILE D 219 -6.57 37.39 0.91
N ALA D 220 -7.27 37.06 -0.18
CA ALA D 220 -6.63 36.46 -1.35
C ALA D 220 -5.71 37.45 -2.06
N ASP D 221 -6.11 38.73 -2.10
CA ASP D 221 -5.28 39.73 -2.76
C ASP D 221 -3.92 39.92 -2.07
N ILE D 222 -3.85 39.56 -0.80
CA ILE D 222 -2.59 39.63 -0.07
C ILE D 222 -1.53 38.66 -0.62
N ILE D 223 -1.95 37.45 -0.98
CA ILE D 223 -1.02 36.42 -1.44
C ILE D 223 -1.17 36.14 -2.94
N LYS D 224 -2.05 36.89 -3.57
CA LYS D 224 -2.44 36.69 -4.96
C LYS D 224 -1.22 36.69 -5.91
N PHE D 225 -0.39 37.73 -5.80
CA PHE D 225 0.73 37.91 -6.73
C PHE D 225 1.95 37.07 -6.44
N ASP D 226 1.99 36.35 -5.32
CA ASP D 226 3.18 35.55 -4.99
C ASP D 226 3.45 34.50 -6.06
N THR D 227 2.43 33.69 -6.37
CA THR D 227 2.62 32.65 -7.35
C THR D 227 1.47 32.58 -8.36
N VAL D 228 0.23 32.67 -7.88
CA VAL D 228 -0.95 32.46 -8.73
C VAL D 228 -1.05 33.38 -9.96
N VAL D 229 -0.91 34.69 -9.77
CA VAL D 229 -1.03 35.62 -10.90
C VAL D 229 0.18 35.57 -11.85
N PRO D 230 1.41 35.46 -11.30
CA PRO D 230 2.52 35.22 -12.24
C PRO D 230 2.29 34.00 -13.12
N LYS D 231 1.69 32.95 -12.56
CA LYS D 231 1.39 31.74 -13.32
C LYS D 231 0.38 32.00 -14.44
N ALA D 232 -0.50 32.96 -14.23
CA ALA D 232 -1.48 33.35 -15.25
C ALA D 232 -0.79 33.89 -16.50
N PHE D 233 0.33 34.56 -16.29
CA PHE D 233 1.12 35.13 -17.40
C PHE D 233 1.93 34.08 -18.14
N GLU D 234 2.56 33.15 -17.41
CA GLU D 234 3.35 32.09 -18.03
C GLU D 234 2.50 31.29 -19.01
N ILE D 235 1.24 31.09 -18.66
CA ILE D 235 0.32 30.34 -19.49
C ILE D 235 -0.23 31.21 -20.61
N ALA D 236 -0.43 32.49 -20.32
CA ALA D 236 -0.94 33.43 -21.31
C ALA D 236 0.06 33.69 -22.44
N ARG D 237 1.33 33.69 -22.10
CA ARG D 237 2.41 33.86 -23.10
C ARG D 237 2.37 32.71 -24.10
N ARG D 238 2.10 31.51 -23.58
CA ARG D 238 1.98 30.30 -24.37
C ARG D 238 0.82 30.36 -25.37
N ASN D 239 -0.28 30.99 -24.97
CA ASN D 239 -1.49 31.12 -25.79
C ASN D 239 -2.10 29.78 -26.26
N PRO D 240 -2.26 28.81 -25.33
CA PRO D 240 -2.85 27.51 -25.70
C PRO D 240 -4.33 27.58 -26.02
N GLY D 241 -4.85 26.58 -26.72
CA GLY D 241 -6.24 26.59 -27.16
C GLY D 241 -7.28 26.65 -26.06
N GLU D 242 -7.11 25.84 -25.02
CA GLU D 242 -8.00 25.90 -23.85
C GLU D 242 -7.25 26.42 -22.61
N PRO D 243 -7.26 27.73 -22.39
CA PRO D 243 -6.54 28.36 -21.28
C PRO D 243 -7.07 27.95 -19.91
N ASP D 244 -8.39 27.82 -19.78
CA ASP D 244 -9.00 27.54 -18.48
C ASP D 244 -8.57 26.25 -17.82
N ARG D 245 -8.56 25.16 -18.55
CA ARG D 245 -8.24 23.88 -17.94
C ARG D 245 -6.80 23.88 -17.49
N GLU D 246 -5.93 24.51 -18.29
CA GLU D 246 -4.52 24.57 -18.00
C GLU D 246 -4.22 25.42 -16.76
N VAL D 247 -4.91 26.55 -16.62
CA VAL D 247 -4.70 27.43 -15.48
C VAL D 247 -5.13 26.76 -14.17
N ARG D 248 -6.29 26.11 -14.19
CA ARG D 248 -6.81 25.40 -13.03
C ARG D 248 -5.83 24.35 -12.56
N LEU D 249 -5.24 23.61 -13.49
CA LEU D 249 -4.30 22.56 -13.14
C LEU D 249 -3.08 23.19 -12.50
N ALA D 250 -2.70 24.37 -12.97
CA ALA D 250 -1.52 25.05 -12.47
C ALA D 250 -1.77 25.55 -11.05
N CYS D 251 -2.96 26.09 -10.81
CA CYS D 251 -3.33 26.58 -9.48
C CYS D 251 -3.34 25.46 -8.47
N ARG D 252 -3.87 24.31 -8.87
CA ARG D 252 -3.86 23.16 -7.98
C ARG D 252 -2.43 22.77 -7.64
N ASP D 253 -1.52 22.97 -8.60
CA ASP D 253 -0.09 22.71 -8.37
C ASP D 253 0.52 23.72 -7.43
N ILE D 254 0.25 25.00 -7.70
CA ILE D 254 0.74 26.10 -6.87
C ILE D 254 0.29 25.95 -5.43
N PHE D 255 -1.01 25.68 -5.24
CA PHE D 255 -1.59 25.56 -3.90
C PHE D 255 -0.93 24.45 -3.12
N ARG D 256 -0.58 23.37 -3.80
CA ARG D 256 0.04 22.23 -3.13
C ARG D 256 1.45 22.58 -2.68
N SER D 257 2.28 23.07 -3.61
CA SER D 257 3.68 23.31 -3.32
C SER D 257 3.88 24.48 -2.32
N SER D 258 3.06 25.52 -2.46
CA SER D 258 3.12 26.67 -1.57
C SER D 258 2.46 26.37 -0.22
N LYS D 259 1.78 25.22 -0.13
CA LYS D 259 0.98 24.85 1.04
C LYS D 259 -0.02 25.96 1.37
N THR D 260 -0.71 26.43 0.33
CA THR D 260 -1.59 27.59 0.44
C THR D 260 -2.64 27.45 1.52
N LEU D 261 -3.33 26.30 1.53
CA LEU D 261 -4.43 26.10 2.46
C LEU D 261 -3.97 26.13 3.92
N ALA D 262 -2.77 25.59 4.18
CA ALA D 262 -2.23 25.58 5.54
C ALA D 262 -1.79 26.99 5.95
N LYS D 263 -1.46 27.81 4.96
CA LYS D 263 -0.98 29.15 5.24
C LYS D 263 -2.14 30.13 5.37
N LEU D 264 -3.30 29.71 4.87
CA LEU D 264 -4.50 30.55 4.85
C LEU D 264 -5.09 30.76 6.25
N ILE D 265 -5.07 29.72 7.08
CA ILE D 265 -5.66 29.86 8.39
C ILE D 265 -4.93 30.90 9.26
N PRO D 266 -3.61 30.76 9.46
CA PRO D 266 -2.97 31.79 10.30
C PRO D 266 -2.95 33.17 9.65
N LEU D 267 -3.05 33.24 8.32
CA LEU D 267 -3.13 34.53 7.65
C LEU D 267 -4.39 35.29 8.06
N ILE D 268 -5.53 34.59 8.07
CA ILE D 268 -6.81 35.18 8.45
C ILE D 268 -6.83 35.69 9.89
N GLU D 269 -6.36 34.85 10.81
CA GLU D 269 -6.28 35.23 12.21
C GLU D 269 -5.35 36.43 12.44
N ASP D 270 -4.18 36.41 11.79
CA ASP D 270 -3.21 37.50 11.95
C ASP D 270 -3.77 38.82 11.45
N VAL D 271 -4.40 38.79 10.29
CA VAL D 271 -5.01 40.00 9.74
C VAL D 271 -6.01 40.55 10.75
N LEU D 272 -6.81 39.67 11.33
CA LEU D 272 -7.81 40.12 12.29
C LEU D 272 -7.19 40.51 13.65
N ALA D 273 -6.14 39.80 14.05
CA ALA D 273 -5.52 40.03 15.34
C ALA D 273 -4.87 41.43 15.44
N ALA D 274 -4.58 42.01 14.29
CA ALA D 274 -3.89 43.31 14.21
C ALA D 274 -4.70 44.44 14.87
N GLY D 275 -5.97 44.17 15.17
CA GLY D 275 -6.81 45.16 15.81
C GLY D 275 -6.56 45.24 17.29
N GLU D 276 -5.82 44.27 17.80
CA GLU D 276 -5.40 44.24 19.19
C GLU D 276 -6.57 44.09 20.16
N ILE D 277 -7.72 43.68 19.62
CA ILE D 277 -8.84 43.24 20.43
C ILE D 277 -8.57 41.78 20.75
N GLN D 278 -8.97 41.33 21.94
CA GLN D 278 -8.70 39.94 22.33
C GLN D 278 -9.43 38.94 21.41
N PRO D 279 -8.70 37.94 20.92
CA PRO D 279 -9.30 36.95 20.03
C PRO D 279 -10.08 35.89 20.79
N PRO D 280 -11.01 35.20 20.12
CA PRO D 280 -11.77 34.09 20.71
C PRO D 280 -10.91 32.88 21.06
N ALA D 281 -11.30 32.13 22.07
CA ALA D 281 -10.55 30.97 22.53
C ALA D 281 -10.64 29.78 21.59
N PRO D 282 -9.57 28.97 21.51
CA PRO D 282 -9.57 27.73 20.73
C PRO D 282 -10.12 26.54 21.54
N SER E 2 8.33 0.32 -3.71
CA SER E 2 7.04 0.95 -3.46
C SER E 2 6.14 0.00 -2.66
N MET E 3 5.44 0.55 -1.67
CA MET E 3 4.51 -0.28 -0.90
C MET E 3 3.46 -0.91 -1.82
N LEU E 4 3.22 -2.20 -1.63
CA LEU E 4 2.28 -2.91 -2.50
C LEU E 4 1.25 -3.65 -1.67
N VAL E 5 -0.02 -3.48 -2.02
CA VAL E 5 -1.09 -4.26 -1.37
C VAL E 5 -1.95 -4.99 -2.40
N VAL E 6 -2.15 -6.28 -2.13
CA VAL E 6 -3.04 -7.11 -2.94
C VAL E 6 -4.14 -7.71 -2.08
N VAL E 7 -5.39 -7.43 -2.44
CA VAL E 7 -6.54 -8.00 -1.75
C VAL E 7 -7.28 -8.95 -2.65
N THR E 8 -7.39 -10.21 -2.22
CA THR E 8 -8.05 -11.24 -3.00
C THR E 8 -9.40 -11.69 -2.43
N GLU E 9 -10.32 -12.04 -3.33
CA GLU E 9 -11.61 -12.57 -2.91
C GLU E 9 -11.95 -13.77 -3.79
N ASN E 10 -12.10 -14.92 -3.13
CA ASN E 10 -12.49 -16.16 -3.81
C ASN E 10 -11.55 -16.53 -4.97
N VAL E 11 -10.26 -16.60 -4.72
CA VAL E 11 -9.31 -17.02 -5.75
C VAL E 11 -8.80 -18.41 -5.41
N PRO E 12 -8.29 -19.14 -6.41
CA PRO E 12 -7.82 -20.49 -6.12
C PRO E 12 -6.70 -20.52 -5.10
N PRO E 13 -6.55 -21.63 -4.39
CA PRO E 13 -5.47 -21.80 -3.41
C PRO E 13 -4.10 -21.56 -4.03
N ARG E 14 -3.98 -21.87 -5.32
CA ARG E 14 -2.70 -21.69 -6.01
C ARG E 14 -2.24 -20.23 -6.01
N LEU E 15 -3.17 -19.32 -6.28
CA LEU E 15 -2.84 -17.90 -6.28
C LEU E 15 -2.49 -17.45 -4.86
N ARG E 16 -3.29 -17.89 -3.90
CA ARG E 16 -3.09 -17.48 -2.52
C ARG E 16 -1.69 -17.90 -2.06
N GLY E 17 -1.26 -19.07 -2.51
CA GLY E 17 0.01 -19.62 -2.09
C GLY E 17 1.17 -18.86 -2.67
N ARG E 18 0.95 -18.30 -3.85
CA ARG E 18 2.05 -17.61 -4.53
C ARG E 18 2.23 -16.20 -4.03
N LEU E 19 1.13 -15.52 -3.76
CA LEU E 19 1.19 -14.20 -3.15
C LEU E 19 1.93 -14.31 -1.81
N ALA E 20 1.68 -15.39 -1.08
CA ALA E 20 2.29 -15.59 0.24
C ALA E 20 3.79 -15.92 0.15
N ILE E 21 4.28 -16.14 -1.05
CA ILE E 21 5.70 -16.40 -1.23
C ILE E 21 6.45 -15.07 -1.11
N TRP E 22 5.86 -14.00 -1.63
CA TRP E 22 6.55 -12.72 -1.69
C TRP E 22 5.96 -11.63 -0.80
N LEU E 23 4.71 -11.79 -0.35
CA LEU E 23 4.07 -10.73 0.41
C LEU E 23 3.58 -11.23 1.77
N LEU E 24 3.48 -10.30 2.71
CA LEU E 24 3.05 -10.64 4.07
C LEU E 24 1.54 -10.70 4.10
N GLU E 25 1.01 -11.78 4.65
CA GLU E 25 -0.45 -11.97 4.71
C GLU E 25 -1.01 -11.46 6.03
N VAL E 26 -1.42 -10.20 6.04
CA VAL E 26 -1.79 -9.55 7.30
C VAL E 26 -3.21 -9.93 7.71
N ARG E 27 -3.98 -10.34 6.73
CA ARG E 27 -5.26 -11.01 6.97
C ARG E 27 -5.41 -11.93 5.78
N ALA E 28 -6.10 -13.06 5.95
CA ALA E 28 -6.33 -13.98 4.83
C ALA E 28 -6.88 -13.20 3.64
N GLY E 29 -6.10 -13.20 2.56
CA GLY E 29 -6.51 -12.57 1.32
C GLY E 29 -6.05 -11.13 1.19
N VAL E 30 -5.22 -10.70 2.12
CA VAL E 30 -4.63 -9.37 2.07
C VAL E 30 -3.12 -9.46 2.19
N TYR E 31 -2.43 -9.01 1.14
CA TYR E 31 -0.98 -9.17 1.06
C TYR E 31 -0.27 -7.83 0.93
N VAL E 32 0.70 -7.60 1.79
CA VAL E 32 1.40 -6.33 1.80
C VAL E 32 2.89 -6.57 1.69
N GLY E 33 3.57 -5.70 0.94
CA GLY E 33 5.00 -5.79 0.81
C GLY E 33 5.57 -4.50 0.26
N ASP E 34 6.90 -4.39 0.25
CA ASP E 34 7.56 -3.28 -0.41
C ASP E 34 8.41 -3.85 -1.54
N VAL E 35 7.95 -3.64 -2.77
CA VAL E 35 8.59 -4.27 -3.91
C VAL E 35 8.87 -3.27 -5.03
N SER E 36 9.84 -3.61 -5.89
CA SER E 36 10.18 -2.84 -7.08
C SER E 36 9.10 -2.97 -8.14
N ALA E 37 9.11 -2.06 -9.11
CA ALA E 37 8.11 -2.06 -10.16
C ALA E 37 8.15 -3.35 -11.00
N LYS E 38 9.35 -3.91 -11.17
CA LYS E 38 9.48 -5.13 -11.95
C LYS E 38 8.80 -6.28 -11.22
N ILE E 39 9.14 -6.43 -9.94
CA ILE E 39 8.50 -7.41 -9.08
C ILE E 39 6.99 -7.23 -9.06
N ARG E 40 6.54 -5.99 -8.97
CA ARG E 40 5.12 -5.71 -8.94
C ARG E 40 4.42 -6.27 -10.20
N GLU E 41 5.04 -6.05 -11.36
CA GLU E 41 4.45 -6.46 -12.64
C GLU E 41 4.42 -7.97 -12.79
N MET E 42 5.41 -8.65 -12.20
CA MET E 42 5.42 -10.10 -12.22
C MET E 42 4.29 -10.59 -11.34
N ILE E 43 4.03 -9.87 -10.26
CA ILE E 43 2.99 -10.24 -9.33
C ILE E 43 1.62 -10.03 -10.00
N TRP E 44 1.51 -9.01 -10.85
CA TRP E 44 0.26 -8.81 -11.56
C TRP E 44 0.02 -9.93 -12.57
N GLU E 45 1.09 -10.43 -13.18
CA GLU E 45 0.98 -11.54 -14.12
C GLU E 45 0.40 -12.74 -13.43
N GLN E 46 0.95 -13.04 -12.25
CA GLN E 46 0.51 -14.17 -11.45
C GLN E 46 -0.96 -14.03 -11.12
N ILE E 47 -1.41 -12.81 -10.86
CA ILE E 47 -2.80 -12.58 -10.52
C ILE E 47 -3.71 -12.86 -11.72
N ALA E 48 -3.38 -12.32 -12.89
CA ALA E 48 -4.23 -12.48 -14.07
C ALA E 48 -4.26 -13.94 -14.53
N GLY E 49 -3.14 -14.63 -14.40
CA GLY E 49 -3.07 -16.04 -14.71
C GLY E 49 -3.80 -17.00 -13.79
N LEU E 50 -3.69 -16.78 -12.49
CA LEU E 50 -4.21 -17.77 -11.54
C LEU E 50 -5.55 -17.45 -10.88
N ALA E 51 -6.01 -16.21 -11.00
CA ALA E 51 -7.33 -15.86 -10.47
C ALA E 51 -8.35 -16.18 -11.55
N GLU E 52 -9.44 -16.84 -11.19
CA GLU E 52 -10.41 -17.12 -12.23
C GLU E 52 -11.79 -16.60 -11.81
N GLU E 53 -12.46 -17.30 -10.91
CA GLU E 53 -13.75 -16.85 -10.42
C GLU E 53 -13.58 -15.63 -9.49
N GLY E 54 -12.35 -15.43 -9.03
CA GLY E 54 -12.00 -14.39 -8.08
C GLY E 54 -11.94 -12.91 -8.42
N ASN E 55 -12.04 -12.10 -7.37
CA ASN E 55 -11.86 -10.66 -7.49
C ASN E 55 -10.51 -10.33 -6.85
N VAL E 56 -9.72 -9.50 -7.53
CA VAL E 56 -8.44 -9.06 -6.98
C VAL E 56 -8.27 -7.55 -7.15
N VAL E 57 -7.69 -6.89 -6.15
CA VAL E 57 -7.27 -5.51 -6.33
C VAL E 57 -5.84 -5.34 -5.84
N MET E 58 -5.05 -4.65 -6.65
CA MET E 58 -3.67 -4.34 -6.33
C MET E 58 -3.48 -2.84 -6.31
N ALA E 59 -2.93 -2.34 -5.21
CA ALA E 59 -2.67 -0.92 -5.09
C ALA E 59 -1.24 -0.73 -4.66
N TRP E 60 -0.60 0.30 -5.19
CA TRP E 60 0.79 0.58 -4.84
C TRP E 60 1.06 2.08 -4.79
N ALA E 61 2.04 2.44 -3.96
CA ALA E 61 2.39 3.84 -3.75
C ALA E 61 3.16 4.40 -4.94
N THR E 62 2.79 5.60 -5.37
CA THR E 62 3.47 6.24 -6.49
C THR E 62 3.78 7.70 -6.21
N ASN E 63 4.68 8.27 -7.00
CA ASN E 63 4.94 9.70 -6.93
C ASN E 63 4.08 10.44 -7.93
N THR E 64 2.78 10.46 -7.66
CA THR E 64 1.82 11.13 -8.52
C THR E 64 0.93 12.00 -7.63
N GLU E 65 0.10 12.84 -8.24
CA GLU E 65 -0.68 13.80 -7.49
C GLU E 65 -1.52 13.13 -6.41
N THR E 66 -2.13 12.01 -6.79
CA THR E 66 -2.94 11.21 -5.88
C THR E 66 -2.08 10.36 -4.94
N GLY E 67 -0.89 9.98 -5.38
CA GLY E 67 0.06 9.32 -4.51
C GLY E 67 -0.04 7.82 -4.47
N PHE E 68 -0.99 7.27 -5.20
CA PHE E 68 -1.08 5.82 -5.35
C PHE E 68 -1.67 5.47 -6.70
N GLU E 69 -1.56 4.19 -7.05
CA GLU E 69 -2.10 3.71 -8.30
C GLU E 69 -2.69 2.37 -7.95
N PHE E 70 -3.71 1.96 -8.68
CA PHE E 70 -4.27 0.62 -8.46
C PHE E 70 -4.81 0.01 -9.75
N GLN E 71 -4.84 -1.32 -9.79
CA GLN E 71 -5.49 -2.00 -10.89
C GLN E 71 -6.29 -3.18 -10.37
N THR E 72 -7.40 -3.49 -11.04
CA THR E 72 -8.29 -4.54 -10.58
C THR E 72 -8.47 -5.64 -11.62
N PHE E 73 -8.89 -6.80 -11.15
CA PHE E 73 -9.06 -7.98 -11.99
C PHE E 73 -10.26 -8.76 -11.53
N GLY E 74 -10.84 -9.53 -12.43
CA GLY E 74 -11.95 -10.40 -12.09
C GLY E 74 -13.31 -9.78 -12.30
N LEU E 75 -14.33 -10.54 -11.95
CA LEU E 75 -15.72 -10.15 -12.14
C LEU E 75 -16.08 -8.97 -11.25
N ASN E 76 -16.80 -8.01 -11.82
CA ASN E 76 -17.27 -6.85 -11.07
C ASN E 76 -16.11 -6.02 -10.55
N ARG E 77 -15.03 -6.05 -11.30
CA ARG E 77 -13.89 -5.25 -10.97
C ARG E 77 -14.32 -3.83 -11.20
N ARG E 78 -13.87 -2.95 -10.33
CA ARG E 78 -14.13 -1.54 -10.54
C ARG E 78 -13.02 -1.08 -11.46
N THR E 79 -13.24 0.01 -12.17
CA THR E 79 -12.23 0.49 -13.08
C THR E 79 -11.56 1.78 -12.60
N PRO E 80 -10.22 1.75 -12.51
CA PRO E 80 -9.41 2.93 -12.23
C PRO E 80 -9.60 3.99 -13.31
N VAL E 81 -9.86 5.22 -12.88
CA VAL E 81 -10.18 6.31 -13.80
C VAL E 81 -9.27 7.51 -13.51
N ASP E 82 -9.22 8.45 -14.44
CA ASP E 82 -8.41 9.64 -14.26
C ASP E 82 -9.29 10.87 -14.42
N LEU E 83 -9.26 11.77 -13.44
CA LEU E 83 -9.93 13.05 -13.53
C LEU E 83 -8.93 14.16 -13.30
N ASP E 84 -8.49 14.77 -14.39
CA ASP E 84 -7.53 15.87 -14.35
C ASP E 84 -6.30 15.51 -13.53
N GLY E 85 -5.82 14.28 -13.67
CA GLY E 85 -4.59 13.85 -13.01
C GLY E 85 -4.82 13.20 -11.66
N LEU E 86 -6.08 13.16 -11.23
CA LEU E 86 -6.42 12.51 -9.98
C LEU E 86 -6.88 11.09 -10.26
N ARG E 87 -6.42 10.13 -9.47
CA ARG E 87 -6.87 8.76 -9.64
C ARG E 87 -8.16 8.57 -8.86
N LEU E 88 -9.19 8.07 -9.51
CA LEU E 88 -10.49 7.85 -8.87
C LEU E 88 -10.96 6.46 -9.28
N VAL E 89 -12.17 6.07 -8.87
CA VAL E 89 -12.70 4.75 -9.26
C VAL E 89 -14.10 4.87 -9.86
N SER E 90 -14.37 4.03 -10.86
CA SER E 90 -15.69 3.97 -11.47
C SER E 90 -16.25 2.56 -11.42
N PHE E 91 -17.58 2.47 -11.37
CA PHE E 91 -18.24 1.18 -11.26
C PHE E 91 -19.68 1.22 -11.79
N LEU E 92 -20.23 0.03 -11.98
CA LEU E 92 -21.56 -0.17 -12.56
C LEU E 92 -22.73 0.06 -11.63
N PRO E 93 -23.89 0.48 -12.17
CA PRO E 93 -25.04 0.66 -11.30
C PRO E 93 -25.50 -0.68 -10.73
N VAL E 94 -25.84 -0.70 -9.44
CA VAL E 94 -26.42 -1.88 -8.79
C VAL E 94 -27.93 -1.96 -9.00
N SER F 2 1.42 9.68 3.12
CA SER F 2 1.78 8.28 3.10
C SER F 2 0.57 7.45 2.64
N MET F 3 0.80 6.52 1.71
CA MET F 3 -0.27 5.66 1.22
C MET F 3 -0.88 4.87 2.36
N LEU F 4 -2.20 4.78 2.34
CA LEU F 4 -2.98 4.11 3.38
C LEU F 4 -3.97 3.13 2.78
N VAL F 5 -3.98 1.89 3.27
CA VAL F 5 -4.97 0.95 2.80
C VAL F 5 -5.74 0.40 3.99
N VAL F 6 -7.06 0.42 3.87
CA VAL F 6 -7.96 -0.14 4.88
C VAL F 6 -8.84 -1.21 4.25
N VAL F 7 -8.78 -2.43 4.80
CA VAL F 7 -9.64 -3.51 4.31
C VAL F 7 -10.63 -3.95 5.38
N THR F 8 -11.92 -3.87 5.06
CA THR F 8 -12.98 -4.23 6.00
C THR F 8 -13.69 -5.52 5.63
N GLU F 9 -14.10 -6.26 6.64
CA GLU F 9 -14.89 -7.47 6.45
C GLU F 9 -16.03 -7.53 7.45
N ASN F 10 -17.26 -7.62 6.94
CA ASN F 10 -18.45 -7.78 7.76
C ASN F 10 -18.55 -6.68 8.82
N VAL F 11 -18.44 -5.43 8.39
CA VAL F 11 -18.56 -4.31 9.30
C VAL F 11 -19.84 -3.58 9.00
N PRO F 12 -20.36 -2.83 9.98
CA PRO F 12 -21.61 -2.09 9.79
C PRO F 12 -21.53 -1.04 8.69
N PRO F 13 -22.66 -0.72 8.06
CA PRO F 13 -22.74 0.29 7.01
C PRO F 13 -22.20 1.65 7.44
N ARG F 14 -22.35 1.98 8.73
CA ARG F 14 -21.89 3.27 9.24
C ARG F 14 -20.39 3.45 9.02
N LEU F 15 -19.62 2.41 9.31
CA LEU F 15 -18.17 2.47 9.15
C LEU F 15 -17.80 2.65 7.68
N ARG F 16 -18.46 1.87 6.84
CA ARG F 16 -18.19 1.88 5.41
C ARG F 16 -18.43 3.26 4.83
N GLY F 17 -19.48 3.91 5.31
CA GLY F 17 -19.89 5.19 4.74
C GLY F 17 -18.91 6.27 5.09
N ARG F 18 -18.28 6.12 6.25
CA ARG F 18 -17.34 7.12 6.74
C ARG F 18 -15.96 6.95 6.11
N LEU F 19 -15.53 5.70 5.94
CA LEU F 19 -14.30 5.42 5.23
C LEU F 19 -14.40 6.02 3.84
N ALA F 20 -15.59 5.94 3.25
CA ALA F 20 -15.82 6.44 1.91
C ALA F 20 -15.83 7.97 1.84
N ILE F 21 -15.80 8.60 3.01
CA ILE F 21 -15.76 10.06 3.07
C ILE F 21 -14.36 10.57 2.73
N TRP F 22 -13.33 9.85 3.19
CA TRP F 22 -11.95 10.33 3.06
C TRP F 22 -11.06 9.47 2.15
N LEU F 23 -11.49 8.26 1.86
CA LEU F 23 -10.66 7.33 1.11
C LEU F 23 -11.37 6.85 -0.17
N LEU F 24 -10.59 6.41 -1.16
CA LEU F 24 -11.12 5.88 -2.42
C LEU F 24 -11.46 4.41 -2.26
N GLU F 25 -12.69 4.04 -2.62
CA GLU F 25 -13.12 2.66 -2.49
C GLU F 25 -12.90 1.92 -3.80
N VAL F 26 -11.74 1.28 -3.89
CA VAL F 26 -11.25 0.68 -5.13
C VAL F 26 -11.92 -0.68 -5.34
N ARG F 27 -12.42 -1.25 -4.25
CA ARG F 27 -13.30 -2.41 -4.26
C ARG F 27 -14.18 -2.28 -3.01
N ALA F 28 -15.38 -2.85 -3.05
CA ALA F 28 -16.23 -2.84 -1.86
C ALA F 28 -15.43 -3.35 -0.68
N GLY F 29 -15.23 -2.47 0.31
CA GLY F 29 -14.57 -2.87 1.54
C GLY F 29 -13.06 -2.69 1.49
N VAL F 30 -12.57 -2.06 0.43
CA VAL F 30 -11.16 -1.75 0.33
C VAL F 30 -10.99 -0.29 0.00
N TYR F 31 -10.34 0.44 0.92
CA TYR F 31 -10.23 1.88 0.84
C TYR F 31 -8.75 2.34 0.80
N VAL F 32 -8.42 3.19 -0.17
CA VAL F 32 -7.06 3.63 -0.35
C VAL F 32 -6.94 5.16 -0.41
N GLY F 33 -5.90 5.71 0.21
CA GLY F 33 -5.61 7.13 0.19
C GLY F 33 -4.18 7.47 0.60
N ASP F 34 -3.79 8.72 0.39
CA ASP F 34 -2.52 9.24 0.87
C ASP F 34 -2.82 10.30 1.92
N VAL F 35 -2.61 9.95 3.19
CA VAL F 35 -3.01 10.85 4.26
C VAL F 35 -1.90 11.05 5.30
N SER F 36 -2.01 12.14 6.04
CA SER F 36 -1.07 12.45 7.11
C SER F 36 -1.25 11.49 8.27
N ALA F 37 -0.26 11.43 9.15
CA ALA F 37 -0.33 10.52 10.29
C ALA F 37 -1.52 10.87 11.18
N LYS F 38 -1.87 12.14 11.26
CA LYS F 38 -2.97 12.53 12.10
C LYS F 38 -4.28 12.01 11.51
N ILE F 39 -4.51 12.27 10.21
CA ILE F 39 -5.67 11.76 9.50
C ILE F 39 -5.73 10.24 9.64
N ARG F 40 -4.59 9.57 9.47
CA ARG F 40 -4.56 8.11 9.65
C ARG F 40 -5.03 7.73 11.05
N GLU F 41 -4.57 8.46 12.06
CA GLU F 41 -4.89 8.11 13.44
C GLU F 41 -6.37 8.34 13.76
N MET F 42 -6.98 9.31 13.08
CA MET F 42 -8.41 9.58 13.22
C MET F 42 -9.25 8.47 12.60
N ILE F 43 -8.78 7.97 11.45
CA ILE F 43 -9.49 6.94 10.71
C ILE F 43 -9.44 5.64 11.48
N TRP F 44 -8.34 5.40 12.20
CA TRP F 44 -8.29 4.21 13.04
C TRP F 44 -9.28 4.33 14.18
N GLU F 45 -9.46 5.54 14.68
CA GLU F 45 -10.43 5.76 15.74
C GLU F 45 -11.81 5.38 15.24
N GLN F 46 -12.16 5.83 14.03
CA GLN F 46 -13.46 5.52 13.44
C GLN F 46 -13.64 4.01 13.35
N ILE F 47 -12.58 3.30 13.00
CA ILE F 47 -12.60 1.86 12.87
C ILE F 47 -12.82 1.18 14.23
N ALA F 48 -12.07 1.61 15.23
CA ALA F 48 -12.17 1.01 16.55
C ALA F 48 -13.54 1.28 17.14
N GLY F 49 -14.07 2.46 16.87
CA GLY F 49 -15.40 2.80 17.29
C GLY F 49 -16.55 2.11 16.56
N LEU F 50 -16.47 2.02 15.24
CA LEU F 50 -17.61 1.58 14.44
C LEU F 50 -17.63 0.14 13.93
N ALA F 51 -16.53 -0.60 14.07
CA ALA F 51 -16.57 -1.99 13.63
C ALA F 51 -17.11 -2.86 14.77
N GLU F 52 -18.10 -3.67 14.45
CA GLU F 52 -18.78 -4.48 15.46
C GLU F 52 -18.69 -5.95 15.09
N GLU F 53 -17.68 -6.62 15.65
CA GLU F 53 -17.44 -8.04 15.38
C GLU F 53 -16.85 -8.17 13.97
N GLY F 54 -16.88 -7.08 13.20
CA GLY F 54 -16.32 -7.08 11.87
C GLY F 54 -14.80 -7.13 11.97
N ASN F 55 -14.13 -7.55 10.90
CA ASN F 55 -12.68 -7.61 10.86
C ASN F 55 -12.13 -6.45 10.03
N VAL F 56 -11.14 -5.74 10.56
CA VAL F 56 -10.51 -4.67 9.80
C VAL F 56 -8.99 -4.79 9.83
N VAL F 57 -8.35 -4.43 8.73
CA VAL F 57 -6.91 -4.28 8.69
C VAL F 57 -6.55 -2.96 8.02
N MET F 58 -5.60 -2.27 8.63
CA MET F 58 -5.13 -1.02 8.09
C MET F 58 -3.62 -1.10 7.88
N ALA F 59 -3.14 -0.76 6.69
CA ALA F 59 -1.71 -0.76 6.42
C ALA F 59 -1.30 0.54 5.75
N TRP F 60 -0.11 1.05 6.10
CA TRP F 60 0.35 2.31 5.54
C TRP F 60 1.85 2.26 5.31
N ALA F 61 2.31 3.07 4.36
CA ALA F 61 3.74 3.14 4.01
C ALA F 61 4.55 3.90 5.06
N THR F 62 5.70 3.35 5.43
CA THR F 62 6.57 3.96 6.43
C THR F 62 8.03 3.94 6.00
N ASN F 63 8.85 4.75 6.67
CA ASN F 63 10.30 4.74 6.44
C ASN F 63 11.03 3.82 7.39
N THR F 64 10.83 2.52 7.22
CA THR F 64 11.44 1.52 8.07
C THR F 64 12.02 0.43 7.17
N GLU F 65 12.69 -0.55 7.77
CA GLU F 65 13.35 -1.61 7.00
C GLU F 65 12.35 -2.32 6.10
N THR F 66 11.20 -2.63 6.67
CA THR F 66 10.10 -3.31 5.99
C THR F 66 9.31 -2.39 5.05
N GLY F 67 9.29 -1.09 5.37
CA GLY F 67 8.74 -0.09 4.47
C GLY F 67 7.25 0.16 4.61
N PHE F 68 6.59 -0.62 5.47
CA PHE F 68 5.19 -0.41 5.76
C PHE F 68 4.89 -0.84 7.17
N GLU F 69 3.73 -0.44 7.65
CA GLU F 69 3.27 -0.76 8.98
C GLU F 69 1.81 -1.15 8.90
N PHE F 70 1.37 -2.03 9.79
CA PHE F 70 -0.05 -2.38 9.85
C PHE F 70 -0.54 -2.67 11.27
N GLN F 71 -1.83 -2.44 11.48
CA GLN F 71 -2.53 -2.83 12.70
C GLN F 71 -3.88 -3.42 12.31
N THR F 72 -4.34 -4.37 13.12
CA THR F 72 -5.56 -5.08 12.82
C THR F 72 -6.60 -4.92 13.92
N PHE F 73 -7.87 -5.09 13.57
CA PHE F 73 -8.97 -4.96 14.52
C PHE F 73 -10.10 -5.93 14.20
N GLY F 74 -10.87 -6.30 15.22
CA GLY F 74 -11.97 -7.20 14.97
C GLY F 74 -11.71 -8.67 15.20
N LEU F 75 -12.71 -9.47 14.83
CA LEU F 75 -12.70 -10.90 15.06
C LEU F 75 -11.60 -11.62 14.29
N ASN F 76 -10.90 -12.51 14.98
CA ASN F 76 -9.87 -13.32 14.35
C ASN F 76 -8.75 -12.50 13.72
N ARG F 77 -8.44 -11.35 14.32
CA ARG F 77 -7.38 -10.49 13.82
C ARG F 77 -5.99 -11.12 14.00
N ARG F 78 -5.14 -10.94 13.01
CA ARG F 78 -3.77 -11.39 13.14
C ARG F 78 -3.01 -10.28 13.86
N THR F 79 -1.91 -10.62 14.51
CA THR F 79 -1.17 -9.59 15.26
C THR F 79 0.19 -9.24 14.66
N PRO F 80 0.41 -7.94 14.41
CA PRO F 80 1.72 -7.50 13.94
C PRO F 80 2.81 -7.84 14.95
N VAL F 81 3.88 -8.48 14.49
CA VAL F 81 4.94 -8.98 15.34
C VAL F 81 6.24 -8.41 14.79
N ASP F 82 7.32 -8.42 15.56
CA ASP F 82 8.58 -7.86 15.09
C ASP F 82 9.68 -8.92 15.15
N LEU F 83 10.40 -9.10 14.04
CA LEU F 83 11.52 -10.02 14.04
C LEU F 83 12.78 -9.28 13.63
N ASP F 84 13.59 -8.93 14.63
CA ASP F 84 14.86 -8.24 14.47
C ASP F 84 14.71 -7.01 13.61
N GLY F 85 13.62 -6.29 13.82
CA GLY F 85 13.39 -5.02 13.16
C GLY F 85 12.59 -5.16 11.89
N LEU F 86 12.27 -6.40 11.56
CA LEU F 86 11.43 -6.68 10.40
C LEU F 86 9.99 -6.85 10.86
N ARG F 87 9.06 -6.27 10.12
CA ARG F 87 7.65 -6.46 10.44
C ARG F 87 7.05 -7.69 9.80
N LEU F 88 6.50 -8.55 10.65
CA LEU F 88 5.96 -9.80 10.18
C LEU F 88 4.55 -9.95 10.76
N VAL F 89 3.91 -11.08 10.50
CA VAL F 89 2.60 -11.31 11.09
C VAL F 89 2.55 -12.66 11.79
N SER F 90 1.86 -12.71 12.92
CA SER F 90 1.65 -13.94 13.67
C SER F 90 0.17 -14.15 13.88
N PHE F 91 -0.26 -15.40 13.98
CA PHE F 91 -1.67 -15.71 14.12
C PHE F 91 -1.90 -17.07 14.75
N LEU F 92 -3.11 -17.30 15.25
CA LEU F 92 -3.46 -18.60 15.81
C LEU F 92 -3.89 -19.55 14.70
N PRO F 93 -3.60 -20.85 14.88
CA PRO F 93 -4.05 -21.83 13.88
C PRO F 93 -5.56 -21.92 13.81
N VAL F 94 -6.09 -22.08 12.60
CA VAL F 94 -7.52 -22.31 12.46
C VAL F 94 -7.78 -23.77 12.80
N LEU F 95 -8.90 -24.03 13.45
CA LEU F 95 -9.30 -25.40 13.82
C LEU F 95 -9.40 -26.29 12.59
#